data_3EQ9
#
_entry.id   3EQ9
#
_cell.length_a   72.550
_cell.length_b   101.460
_cell.length_c   112.330
_cell.angle_alpha   90.00
_cell.angle_beta   90.00
_cell.angle_gamma   90.00
#
_symmetry.space_group_name_H-M   'P 21 21 21'
#
loop_
_entity.id
_entity.type
_entity.pdbx_description
1 polymer 'Prolyl endopeptidase'
2 non-polymer 3-{4-oxo-4-[(2S)-2-(pyrrolidin-1-ylcarbonyl)pyrrolidin-1-yl]butyl}-5,5-diphenylimidazolidine-2,4-dione
3 water water
#
_entity_poly.entity_id   1
_entity_poly.type   'polypeptide(L)'
_entity_poly.pdbx_seq_one_letter_code
;MLSFQYPDVYRDETAIQDYHGHKVCDPYAWLEDPDSEQTKAFVEAQNKITVPFLEQCPIRGLYKERMTELYDYPKYSCHF
KKGKRYFYFYNTGLQNQRVLYVQDSLEGEARVFLDPNILSDDGTVALRGYAFSEDGEYFAYGLSASGSDWVTIKFMKVDG
AKELPDVLERVKFSCMAWTHDGKGMFYNAYPQQDGKSDGTETSTNLHQKLYYHVLGTDQSEDILCAEFPDEPKWMGGAEL
SDDGRYVLLSIREGCDPVNRLWYCDLQQESNGITGILKWVKLIDNFEGEYDYVTNEGTVFTFKTNRHSPNYRLINIDFTD
PEESKWKVLVPEHEKDVLEWVACVRSNFLVLCYLHDVKNTLQLHDLATGALLKIFPLEVGSVVGYSGQKKDTEIFYQFTS
FLSPGIIYHCDLTKEELEPRVFREVTVKGIDASDYQTVQIFYPSKDGTKIPMFIVHKKGIKLDGSHPAFLYGYGGFNISI
TPNYSVSRLIFVRHMGGVLAVANIRGGGEYGETWHKGGILANKQNCFDDFQCAAEYLIKEGYTSPKRLTINGGSNGGLLV
ATCANQRPDLFGCVIAQVGVMDMLKFHKYTIGHAWTTDYGCSDSKQHFEWLIKYSPLHNVKLPEADDIQYPSMLLLTADH
DDRVVPLHSLKFIATLQYIVGRSRKQNNPLLIHVDTKAGHGAGKPTAKVIEEVSDMFAFIARCLNIDWIP
;
_entity_poly.pdbx_strand_id   A
#
# COMPACT_ATOMS: atom_id res chain seq x y z
N SER A 3 -1.00 -19.86 -31.69
CA SER A 3 -1.84 -21.02 -31.29
C SER A 3 -3.15 -20.55 -30.66
N PHE A 4 -3.25 -19.24 -30.43
CA PHE A 4 -4.44 -18.66 -29.82
C PHE A 4 -4.78 -17.33 -30.50
N GLN A 5 -6.07 -17.03 -30.59
CA GLN A 5 -6.52 -15.79 -31.20
C GLN A 5 -7.31 -14.96 -30.19
N TYR A 6 -7.24 -13.64 -30.33
CA TYR A 6 -7.93 -12.74 -29.43
C TYR A 6 -9.39 -12.55 -29.82
N PRO A 7 -10.26 -12.30 -28.83
CA PRO A 7 -11.69 -12.09 -29.04
C PRO A 7 -12.00 -10.84 -29.84
N ASP A 8 -13.11 -10.88 -30.57
CA ASP A 8 -13.53 -9.72 -31.36
C ASP A 8 -14.21 -8.82 -30.35
N VAL A 9 -13.78 -7.57 -30.27
CA VAL A 9 -14.36 -6.65 -29.33
C VAL A 9 -14.89 -5.41 -30.04
N TYR A 10 -16.20 -5.24 -29.96
CA TYR A 10 -16.88 -4.12 -30.61
C TYR A 10 -16.22 -2.79 -30.25
N ARG A 11 -16.02 -1.96 -31.28
CA ARG A 11 -15.44 -0.66 -31.11
C ARG A 11 -16.53 0.40 -31.32
N ASP A 12 -16.83 1.16 -30.29
CA ASP A 12 -17.84 2.21 -30.39
C ASP A 12 -17.13 3.46 -30.94
N GLU A 13 -17.04 3.54 -32.25
CA GLU A 13 -16.37 4.65 -32.90
C GLU A 13 -17.09 5.99 -32.76
N THR A 14 -18.16 6.01 -31.98
CA THR A 14 -18.91 7.25 -31.77
C THR A 14 -18.67 7.80 -30.36
N ALA A 15 -17.84 7.11 -29.59
CA ALA A 15 -17.54 7.54 -28.23
C ALA A 15 -16.38 8.54 -28.25
N ILE A 16 -16.67 9.73 -28.78
CA ILE A 16 -15.71 10.82 -28.90
C ILE A 16 -16.05 11.89 -27.87
N GLN A 17 -15.04 12.31 -27.11
CA GLN A 17 -15.24 13.33 -26.09
C GLN A 17 -14.28 14.49 -26.32
N ASP A 18 -14.70 15.69 -25.95
CA ASP A 18 -13.86 16.88 -26.12
C ASP A 18 -13.19 17.25 -24.81
N TYR A 19 -11.87 17.29 -24.83
CA TYR A 19 -11.08 17.65 -23.66
C TYR A 19 -10.31 18.94 -23.97
N HIS A 20 -10.93 20.08 -23.68
CA HIS A 20 -10.29 21.37 -23.91
C HIS A 20 -9.95 21.62 -25.39
N GLY A 21 -10.87 21.28 -26.28
CA GLY A 21 -10.62 21.49 -27.70
C GLY A 21 -10.05 20.27 -28.39
N HIS A 22 -9.53 19.34 -27.60
CA HIS A 22 -8.95 18.10 -28.14
C HIS A 22 -10.03 17.00 -28.13
N LYS A 23 -10.03 16.19 -29.18
CA LYS A 23 -11.00 15.11 -29.31
C LYS A 23 -10.36 13.75 -29.14
N VAL A 24 -10.83 13.00 -28.15
CA VAL A 24 -10.28 11.66 -27.91
C VAL A 24 -11.36 10.59 -28.01
N CYS A 25 -11.03 9.49 -28.65
CA CYS A 25 -11.96 8.40 -28.85
C CYS A 25 -11.75 7.27 -27.84
N ASP A 26 -12.83 6.89 -27.16
CA ASP A 26 -12.78 5.81 -26.19
C ASP A 26 -13.77 4.75 -26.68
N PRO A 27 -13.37 3.98 -27.70
CA PRO A 27 -14.18 2.92 -28.32
C PRO A 27 -14.58 1.71 -27.46
N TYR A 28 -13.98 1.58 -26.28
CA TYR A 28 -14.31 0.47 -25.40
C TYR A 28 -14.85 1.03 -24.09
N ALA A 29 -15.33 2.26 -24.14
CA ALA A 29 -15.88 2.91 -22.97
C ALA A 29 -17.04 2.08 -22.40
N TRP A 30 -17.63 1.24 -23.24
CA TRP A 30 -18.75 0.42 -22.81
C TRP A 30 -18.32 -0.60 -21.79
N LEU A 31 -17.02 -0.83 -21.69
CA LEU A 31 -16.48 -1.78 -20.74
C LEU A 31 -16.46 -1.18 -19.33
N GLU A 32 -17.02 0.02 -19.21
CA GLU A 32 -17.08 0.72 -17.94
C GLU A 32 -18.30 0.30 -17.13
N ASP A 33 -19.15 -0.54 -17.71
CA ASP A 33 -20.33 -1.02 -17.02
C ASP A 33 -20.02 -2.46 -16.63
N PRO A 34 -19.71 -2.68 -15.35
CA PRO A 34 -19.39 -4.02 -14.87
C PRO A 34 -20.55 -5.01 -15.00
N ASP A 35 -21.76 -4.48 -14.88
CA ASP A 35 -22.97 -5.30 -14.93
C ASP A 35 -23.51 -5.70 -16.29
N SER A 36 -23.09 -5.04 -17.36
CA SER A 36 -23.62 -5.37 -18.68
C SER A 36 -23.25 -6.79 -19.12
N GLU A 37 -24.05 -7.34 -20.03
CA GLU A 37 -23.81 -8.70 -20.53
C GLU A 37 -22.60 -8.69 -21.45
N GLN A 38 -22.35 -7.53 -22.05
CA GLN A 38 -21.22 -7.36 -22.96
C GLN A 38 -19.91 -7.41 -22.18
N THR A 39 -19.85 -6.73 -21.05
CA THR A 39 -18.65 -6.73 -20.22
C THR A 39 -18.38 -8.14 -19.70
N LYS A 40 -19.44 -8.80 -19.22
CA LYS A 40 -19.31 -10.16 -18.69
C LYS A 40 -18.80 -11.12 -19.75
N ALA A 41 -19.33 -11.00 -20.97
CA ALA A 41 -18.94 -11.88 -22.06
C ALA A 41 -17.50 -11.63 -22.47
N PHE A 42 -17.05 -10.39 -22.32
CA PHE A 42 -15.68 -9.99 -22.64
C PHE A 42 -14.72 -10.57 -21.60
N VAL A 43 -15.07 -10.43 -20.33
CA VAL A 43 -14.22 -10.96 -19.26
C VAL A 43 -14.12 -12.47 -19.40
N GLU A 44 -15.26 -13.14 -19.56
CA GLU A 44 -15.25 -14.59 -19.69
C GLU A 44 -14.39 -15.04 -20.87
N ALA A 45 -14.46 -14.30 -21.97
CA ALA A 45 -13.69 -14.66 -23.16
C ALA A 45 -12.19 -14.52 -22.96
N GLN A 46 -11.77 -13.39 -22.40
CA GLN A 46 -10.34 -13.18 -22.16
C GLN A 46 -9.74 -14.24 -21.26
N ASN A 47 -10.42 -14.58 -20.18
CA ASN A 47 -9.91 -15.59 -19.26
C ASN A 47 -9.87 -16.96 -19.94
N LYS A 48 -10.71 -17.11 -20.96
CA LYS A 48 -10.77 -18.37 -21.69
C LYS A 48 -9.48 -18.60 -22.48
N ILE A 49 -8.71 -17.54 -22.71
CA ILE A 49 -7.45 -17.69 -23.44
C ILE A 49 -6.25 -17.60 -22.51
N THR A 50 -6.39 -16.86 -21.41
CA THR A 50 -5.29 -16.70 -20.47
C THR A 50 -5.03 -17.95 -19.63
N VAL A 51 -6.03 -18.40 -18.88
CA VAL A 51 -5.87 -19.56 -18.03
C VAL A 51 -5.10 -20.71 -18.70
N PRO A 52 -5.66 -21.29 -19.77
CA PRO A 52 -5.01 -22.40 -20.48
C PRO A 52 -3.53 -22.15 -20.75
N PHE A 53 -3.25 -20.99 -21.32
CA PHE A 53 -1.88 -20.58 -21.66
C PHE A 53 -0.95 -20.62 -20.45
N LEU A 54 -1.48 -20.27 -19.28
CA LEU A 54 -0.68 -20.25 -18.06
C LEU A 54 -0.44 -21.63 -17.46
N GLU A 55 -1.43 -22.50 -17.54
CA GLU A 55 -1.32 -23.85 -17.00
C GLU A 55 -0.56 -24.77 -17.94
N GLN A 56 -0.49 -24.36 -19.21
CA GLN A 56 0.22 -25.14 -20.22
C GLN A 56 1.72 -25.11 -19.96
N CYS A 57 2.16 -24.23 -19.07
CA CYS A 57 3.59 -24.13 -18.74
C CYS A 57 3.94 -25.11 -17.63
N PRO A 58 4.82 -26.07 -17.92
CA PRO A 58 5.23 -27.08 -16.94
C PRO A 58 5.94 -26.48 -15.73
N ILE A 59 6.34 -25.22 -15.83
CA ILE A 59 7.01 -24.55 -14.73
C ILE A 59 6.03 -24.06 -13.67
N ARG A 60 4.78 -23.84 -14.09
CA ARG A 60 3.73 -23.37 -13.20
C ARG A 60 3.51 -24.26 -11.97
N GLY A 61 3.50 -25.57 -12.18
CA GLY A 61 3.30 -26.50 -11.10
C GLY A 61 4.57 -26.69 -10.30
N LEU A 62 5.70 -26.65 -10.98
CA LEU A 62 6.97 -26.80 -10.28
C LEU A 62 7.02 -25.65 -9.31
N TYR A 63 6.77 -24.45 -9.83
CA TYR A 63 6.77 -23.23 -9.01
C TYR A 63 5.81 -23.32 -7.83
N LYS A 64 4.53 -23.58 -8.11
CA LYS A 64 3.52 -23.67 -7.07
C LYS A 64 3.90 -24.66 -5.97
N GLU A 65 4.65 -25.70 -6.34
CA GLU A 65 5.09 -26.73 -5.39
C GLU A 65 6.14 -26.12 -4.49
N ARG A 66 7.19 -25.65 -5.14
CA ARG A 66 8.31 -25.00 -4.47
C ARG A 66 7.76 -23.91 -3.57
N MET A 67 6.94 -23.04 -4.15
CA MET A 67 6.33 -21.94 -3.41
C MET A 67 5.63 -22.45 -2.16
N THR A 68 4.82 -23.49 -2.30
CA THR A 68 4.07 -24.07 -1.18
C THR A 68 4.97 -24.57 -0.04
N GLU A 69 6.13 -25.13 -0.38
CA GLU A 69 7.05 -25.60 0.64
C GLU A 69 7.81 -24.44 1.28
N LEU A 70 8.44 -23.62 0.46
CA LEU A 70 9.20 -22.47 0.96
C LEU A 70 8.36 -21.44 1.72
N TYR A 71 7.13 -21.22 1.26
CA TYR A 71 6.26 -20.25 1.90
C TYR A 71 5.65 -20.77 3.21
N ASP A 72 5.87 -22.06 3.49
CA ASP A 72 5.32 -22.66 4.71
C ASP A 72 6.19 -22.45 5.95
N TYR A 73 6.17 -21.24 6.49
CA TYR A 73 6.91 -20.92 7.71
C TYR A 73 6.04 -20.11 8.65
N PRO A 74 6.40 -20.06 9.94
CA PRO A 74 5.63 -19.32 10.94
C PRO A 74 5.73 -17.81 10.73
N LYS A 75 4.59 -17.17 10.59
CA LYS A 75 4.57 -15.73 10.37
C LYS A 75 3.97 -15.04 11.59
N TYR A 76 4.83 -14.44 12.40
CA TYR A 76 4.42 -13.76 13.63
C TYR A 76 4.44 -12.25 13.49
N SER A 77 3.64 -11.61 14.35
CA SER A 77 3.57 -10.16 14.41
C SER A 77 4.12 -9.77 15.78
N CYS A 78 4.33 -8.48 15.98
CA CYS A 78 4.85 -8.00 17.25
C CYS A 78 3.79 -8.23 18.30
N HIS A 79 4.23 -8.46 19.54
CA HIS A 79 3.30 -8.65 20.65
C HIS A 79 2.91 -7.22 21.02
N PHE A 80 1.70 -7.04 21.55
CA PHE A 80 1.27 -5.71 21.99
C PHE A 80 0.28 -5.84 23.13
N LYS A 81 0.50 -5.02 24.16
CA LYS A 81 -0.33 -5.07 25.35
C LYS A 81 -1.48 -4.07 25.38
N LYS A 82 -2.68 -4.59 25.58
CA LYS A 82 -3.89 -3.80 25.70
C LYS A 82 -4.44 -4.16 27.09
N GLY A 83 -4.53 -3.17 27.97
CA GLY A 83 -5.01 -3.47 29.30
C GLY A 83 -4.00 -4.35 30.00
N LYS A 84 -4.45 -5.49 30.52
CA LYS A 84 -3.56 -6.41 31.23
C LYS A 84 -3.32 -7.71 30.46
N ARG A 85 -3.58 -7.69 29.16
CA ARG A 85 -3.37 -8.88 28.35
C ARG A 85 -2.44 -8.59 27.18
N TYR A 86 -1.91 -9.64 26.57
CA TYR A 86 -1.01 -9.50 25.44
C TYR A 86 -1.66 -10.14 24.22
N PHE A 87 -1.43 -9.53 23.06
CA PHE A 87 -1.98 -10.04 21.81
C PHE A 87 -0.91 -10.07 20.71
N TYR A 88 -1.11 -10.93 19.72
CA TYR A 88 -0.20 -11.02 18.58
C TYR A 88 -0.82 -11.87 17.49
N PHE A 89 -0.58 -11.52 16.24
CA PHE A 89 -1.13 -12.31 15.13
C PHE A 89 -0.14 -13.42 14.79
N TYR A 90 -0.67 -14.58 14.43
CA TYR A 90 0.18 -15.71 14.11
C TYR A 90 -0.46 -16.58 13.02
N ASN A 91 0.33 -16.89 11.98
CA ASN A 91 -0.12 -17.75 10.87
C ASN A 91 0.80 -18.95 10.95
N THR A 92 0.25 -20.11 11.31
CA THR A 92 1.05 -21.32 11.45
C THR A 92 1.94 -21.59 10.25
N GLY A 93 1.50 -21.11 9.09
CA GLY A 93 2.29 -21.31 7.90
C GLY A 93 1.56 -21.01 6.62
N LEU A 94 0.61 -21.87 6.26
CA LEU A 94 -0.16 -21.74 5.03
C LEU A 94 -1.62 -21.40 5.28
N GLN A 95 -1.91 -20.84 6.45
CA GLN A 95 -3.27 -20.47 6.77
C GLN A 95 -3.69 -19.32 5.86
N ASN A 96 -4.96 -19.34 5.44
CA ASN A 96 -5.48 -18.30 4.57
C ASN A 96 -5.32 -16.88 5.12
N GLN A 97 -5.63 -16.70 6.40
CA GLN A 97 -5.53 -15.41 7.06
C GLN A 97 -4.85 -15.64 8.39
N ARG A 98 -4.11 -14.65 8.89
CA ARG A 98 -3.46 -14.81 10.19
C ARG A 98 -4.52 -14.77 11.29
N VAL A 99 -4.19 -15.29 12.46
CA VAL A 99 -5.10 -15.37 13.60
C VAL A 99 -4.65 -14.53 14.80
N LEU A 100 -5.60 -13.91 15.49
CA LEU A 100 -5.28 -13.08 16.65
C LEU A 100 -5.30 -13.91 17.93
N TYR A 101 -4.15 -14.01 18.58
CA TYR A 101 -4.01 -14.78 19.80
C TYR A 101 -3.97 -13.85 21.00
N VAL A 102 -4.27 -14.39 22.17
CA VAL A 102 -4.27 -13.62 23.40
C VAL A 102 -3.72 -14.46 24.53
N GLN A 103 -2.90 -13.85 25.37
CA GLN A 103 -2.33 -14.54 26.52
C GLN A 103 -2.24 -13.54 27.66
N ASP A 104 -2.60 -13.97 28.87
CA ASP A 104 -2.57 -13.11 30.04
C ASP A 104 -1.17 -12.80 30.53
N SER A 105 -0.18 -13.47 29.96
CA SER A 105 1.20 -13.26 30.39
C SER A 105 2.17 -13.64 29.29
N LEU A 106 3.28 -12.91 29.21
CA LEU A 106 4.30 -13.19 28.21
C LEU A 106 4.72 -14.66 28.33
N GLU A 107 4.54 -15.20 29.54
CA GLU A 107 4.88 -16.58 29.84
C GLU A 107 3.70 -17.51 29.68
N GLY A 108 2.51 -17.01 30.00
CA GLY A 108 1.31 -17.80 29.91
C GLY A 108 1.01 -18.42 28.55
N GLU A 109 0.01 -19.30 28.53
CA GLU A 109 -0.39 -19.99 27.32
C GLU A 109 -1.33 -19.10 26.52
N ALA A 110 -1.07 -19.01 25.23
CA ALA A 110 -1.89 -18.20 24.33
C ALA A 110 -3.08 -19.02 23.84
N ARG A 111 -4.20 -18.35 23.60
CA ARG A 111 -5.40 -19.00 23.09
C ARG A 111 -5.92 -18.19 21.88
N VAL A 112 -6.63 -18.81 20.97
CA VAL A 112 -7.13 -18.07 19.82
C VAL A 112 -8.15 -17.03 20.27
N PHE A 113 -8.04 -15.82 19.73
CA PHE A 113 -8.95 -14.73 20.05
C PHE A 113 -9.91 -14.48 18.90
N LEU A 114 -9.35 -14.32 17.69
CA LEU A 114 -10.15 -14.08 16.50
C LEU A 114 -9.54 -14.76 15.29
N ASP A 115 -10.28 -15.73 14.73
CA ASP A 115 -9.84 -16.49 13.57
C ASP A 115 -10.73 -16.16 12.38
N PRO A 116 -10.27 -15.29 11.48
CA PRO A 116 -11.08 -14.93 10.32
C PRO A 116 -11.24 -16.09 9.35
N ASN A 117 -10.51 -17.16 9.61
CA ASN A 117 -10.53 -18.35 8.77
C ASN A 117 -11.80 -19.18 8.86
N ILE A 118 -12.52 -19.04 9.97
CA ILE A 118 -13.75 -19.78 10.17
C ILE A 118 -14.94 -18.97 9.65
N LEU A 119 -14.63 -17.87 8.96
CA LEU A 119 -15.64 -16.96 8.42
C LEU A 119 -15.98 -17.21 6.97
N SER A 120 -15.03 -17.76 6.24
CA SER A 120 -15.25 -18.04 4.83
C SER A 120 -14.38 -19.21 4.44
N ASP A 121 -15.00 -20.21 3.83
CA ASP A 121 -14.30 -21.40 3.41
C ASP A 121 -13.07 -21.13 2.55
N ASP A 122 -13.12 -20.10 1.70
CA ASP A 122 -11.98 -19.77 0.85
C ASP A 122 -11.04 -18.69 1.37
N GLY A 123 -11.38 -18.10 2.50
CA GLY A 123 -10.51 -17.10 3.10
C GLY A 123 -10.62 -15.69 2.56
N THR A 124 -11.69 -15.40 1.83
CA THR A 124 -11.86 -14.09 1.25
C THR A 124 -12.62 -13.11 2.13
N VAL A 125 -12.56 -13.31 3.44
CA VAL A 125 -13.17 -12.40 4.39
C VAL A 125 -11.95 -12.08 5.24
N ALA A 126 -11.54 -10.83 5.24
CA ALA A 126 -10.35 -10.45 5.99
C ALA A 126 -10.62 -9.39 7.04
N LEU A 127 -9.74 -9.34 8.03
CA LEU A 127 -9.84 -8.35 9.10
C LEU A 127 -9.19 -7.11 8.53
N ARG A 128 -9.89 -5.99 8.59
CA ARG A 128 -9.36 -4.74 8.07
C ARG A 128 -9.59 -3.62 9.07
N GLY A 129 -8.68 -3.53 10.04
CA GLY A 129 -8.77 -2.49 11.05
C GLY A 129 -9.35 -2.98 12.37
N TYR A 130 -8.70 -2.61 13.46
CA TYR A 130 -9.17 -2.98 14.77
C TYR A 130 -8.73 -1.91 15.75
N ALA A 131 -9.39 -1.85 16.89
CA ALA A 131 -9.07 -0.87 17.90
C ALA A 131 -9.63 -1.38 19.20
N PHE A 132 -8.81 -1.31 20.24
CA PHE A 132 -9.21 -1.73 21.57
C PHE A 132 -9.67 -0.50 22.36
N SER A 133 -10.46 -0.74 23.40
CA SER A 133 -10.91 0.34 24.24
C SER A 133 -9.71 0.67 25.13
N GLU A 134 -9.74 1.82 25.79
CA GLU A 134 -8.62 2.21 26.64
C GLU A 134 -8.25 1.14 27.65
N ASP A 135 -9.24 0.56 28.32
CA ASP A 135 -8.93 -0.46 29.33
C ASP A 135 -8.68 -1.84 28.72
N GLY A 136 -8.64 -1.92 27.38
CA GLY A 136 -8.39 -3.18 26.71
C GLY A 136 -9.43 -4.23 27.01
N GLU A 137 -10.57 -3.78 27.53
CA GLU A 137 -11.67 -4.68 27.88
C GLU A 137 -12.68 -4.89 26.76
N TYR A 138 -12.65 -4.02 25.76
CA TYR A 138 -13.57 -4.14 24.64
C TYR A 138 -12.77 -4.00 23.34
N PHE A 139 -13.25 -4.67 22.30
CA PHE A 139 -12.57 -4.71 21.02
C PHE A 139 -13.49 -4.49 19.82
N ALA A 140 -13.00 -3.76 18.82
CA ALA A 140 -13.76 -3.48 17.62
C ALA A 140 -12.91 -3.84 16.40
N TYR A 141 -13.51 -4.42 15.36
CA TYR A 141 -12.76 -4.77 14.16
C TYR A 141 -13.57 -4.66 12.88
N GLY A 142 -12.89 -4.30 11.79
CA GLY A 142 -13.56 -4.17 10.51
C GLY A 142 -13.39 -5.44 9.70
N LEU A 143 -14.45 -5.86 9.02
CA LEU A 143 -14.38 -7.07 8.23
C LEU A 143 -14.66 -6.75 6.77
N SER A 144 -13.77 -7.19 5.89
CA SER A 144 -13.91 -6.95 4.46
C SER A 144 -14.12 -8.23 3.69
N ALA A 145 -15.14 -8.27 2.85
CA ALA A 145 -15.44 -9.48 2.06
C ALA A 145 -15.05 -9.35 0.57
N SER A 146 -14.40 -10.38 0.04
CA SER A 146 -13.95 -10.40 -1.35
C SER A 146 -12.93 -9.32 -1.72
N GLY A 147 -12.28 -8.75 -0.71
CA GLY A 147 -11.26 -7.76 -0.96
C GLY A 147 -11.68 -6.33 -1.24
N SER A 148 -12.95 -6.02 -0.98
CA SER A 148 -13.45 -4.66 -1.20
C SER A 148 -12.93 -3.79 -0.07
N ASP A 149 -12.93 -2.47 -0.28
CA ASP A 149 -12.49 -1.52 0.74
C ASP A 149 -13.65 -1.35 1.74
N TRP A 150 -14.87 -1.59 1.28
CA TRP A 150 -16.04 -1.47 2.14
C TRP A 150 -15.77 -2.31 3.38
N VAL A 151 -16.18 -1.79 4.54
CA VAL A 151 -15.95 -2.45 5.81
C VAL A 151 -17.19 -2.60 6.68
N THR A 152 -17.21 -3.65 7.48
CA THR A 152 -18.30 -3.92 8.41
C THR A 152 -17.63 -4.00 9.78
N ILE A 153 -17.95 -3.04 10.65
CA ILE A 153 -17.35 -3.02 11.97
C ILE A 153 -18.21 -3.78 12.95
N LYS A 154 -17.61 -4.78 13.61
CA LYS A 154 -18.27 -5.60 14.60
C LYS A 154 -17.53 -5.38 15.91
N PHE A 155 -18.13 -5.79 17.03
CA PHE A 155 -17.51 -5.60 18.34
C PHE A 155 -17.43 -6.89 19.16
N MET A 156 -16.51 -6.92 20.11
CA MET A 156 -16.31 -8.08 20.96
C MET A 156 -15.98 -7.66 22.38
N LYS A 157 -16.27 -8.55 23.33
CA LYS A 157 -15.96 -8.30 24.72
C LYS A 157 -14.67 -9.12 24.89
N VAL A 158 -13.57 -8.47 25.24
CA VAL A 158 -12.31 -9.20 25.37
C VAL A 158 -12.37 -10.41 26.28
N ASP A 159 -12.57 -10.19 27.57
CA ASP A 159 -12.64 -11.31 28.51
C ASP A 159 -13.73 -12.29 28.15
N GLY A 160 -13.34 -13.44 27.65
CA GLY A 160 -14.33 -14.44 27.26
C GLY A 160 -14.57 -14.40 25.78
N ALA A 161 -14.01 -13.39 25.11
CA ALA A 161 -14.15 -13.24 23.67
C ALA A 161 -15.61 -13.34 23.25
N LYS A 162 -16.48 -12.64 23.95
CA LYS A 162 -17.91 -12.65 23.65
C LYS A 162 -18.28 -11.69 22.53
N GLU A 163 -19.06 -12.16 21.58
CA GLU A 163 -19.47 -11.33 20.45
C GLU A 163 -20.68 -10.47 20.81
N LEU A 164 -20.59 -9.17 20.55
CA LEU A 164 -21.66 -8.22 20.83
C LEU A 164 -22.55 -8.07 19.59
N PRO A 165 -23.75 -7.49 19.76
CA PRO A 165 -24.69 -7.30 18.65
C PRO A 165 -24.47 -6.05 17.80
N ASP A 166 -23.63 -5.13 18.26
CA ASP A 166 -23.38 -3.91 17.51
C ASP A 166 -22.74 -4.17 16.17
N VAL A 167 -23.26 -3.51 15.13
CA VAL A 167 -22.74 -3.66 13.78
C VAL A 167 -22.87 -2.32 13.08
N LEU A 168 -21.80 -1.90 12.42
CA LEU A 168 -21.77 -0.64 11.68
C LEU A 168 -21.49 -0.90 10.20
N GLU A 169 -22.34 -0.36 9.33
CA GLU A 169 -22.24 -0.53 7.88
C GLU A 169 -21.87 0.76 7.14
N ARG A 170 -21.67 0.63 5.84
CA ARG A 170 -21.29 1.75 4.98
C ARG A 170 -19.99 2.42 5.44
N VAL A 171 -19.09 1.63 6.01
CA VAL A 171 -17.81 2.14 6.50
C VAL A 171 -16.73 1.96 5.46
N LYS A 172 -15.89 2.98 5.30
CA LYS A 172 -14.81 2.91 4.33
C LYS A 172 -13.76 3.94 4.72
N PHE A 173 -12.49 3.59 4.55
CA PHE A 173 -11.38 4.49 4.89
C PHE A 173 -11.71 5.20 6.19
N SER A 174 -12.09 4.42 7.19
CA SER A 174 -12.47 4.98 8.47
C SER A 174 -11.47 4.82 9.62
N CYS A 175 -11.65 5.68 10.62
CA CYS A 175 -10.83 5.69 11.82
C CYS A 175 -11.55 4.78 12.81
N MET A 176 -11.01 4.68 14.02
CA MET A 176 -11.62 3.85 15.04
C MET A 176 -11.06 4.32 16.37
N ALA A 177 -11.69 5.33 16.95
CA ALA A 177 -11.22 5.90 18.21
C ALA A 177 -12.23 5.79 19.32
N TRP A 178 -11.89 5.04 20.36
CA TRP A 178 -12.76 4.89 21.50
C TRP A 178 -12.52 6.06 22.44
N THR A 179 -13.58 6.57 23.07
CA THR A 179 -13.39 7.65 24.02
C THR A 179 -13.01 6.91 25.31
N HIS A 180 -12.09 7.46 26.09
CA HIS A 180 -11.61 6.82 27.31
C HIS A 180 -12.61 6.43 28.40
N ASP A 181 -13.85 6.86 28.29
CA ASP A 181 -14.86 6.52 29.30
C ASP A 181 -15.46 5.17 28.92
N GLY A 182 -15.08 4.69 27.73
CA GLY A 182 -15.57 3.42 27.26
C GLY A 182 -17.01 3.45 26.80
N LYS A 183 -17.58 4.63 26.69
CA LYS A 183 -18.97 4.75 26.26
C LYS A 183 -19.12 4.45 24.77
N GLY A 184 -18.22 4.97 23.96
CA GLY A 184 -18.32 4.73 22.53
C GLY A 184 -17.06 4.89 21.69
N MET A 185 -17.23 4.80 20.37
CA MET A 185 -16.13 4.91 19.43
C MET A 185 -16.49 5.83 18.27
N PHE A 186 -15.48 6.51 17.72
CA PHE A 186 -15.64 7.38 16.56
C PHE A 186 -15.34 6.51 15.34
N TYR A 187 -15.97 6.80 14.21
CA TYR A 187 -15.73 6.04 12.99
C TYR A 187 -16.31 6.82 11.79
N ASN A 188 -15.94 6.43 10.58
CA ASN A 188 -16.42 7.11 9.37
C ASN A 188 -17.34 6.23 8.51
N ALA A 189 -18.33 6.86 7.88
CA ALA A 189 -19.26 6.15 7.03
C ALA A 189 -19.68 7.03 5.86
N TYR A 190 -20.26 6.41 4.84
CA TYR A 190 -20.71 7.15 3.67
C TYR A 190 -22.22 7.13 3.62
N PRO A 191 -22.81 8.14 2.97
CA PRO A 191 -24.27 8.24 2.86
C PRO A 191 -24.86 7.03 2.13
N GLN A 192 -25.98 6.53 2.65
CA GLN A 192 -26.65 5.40 2.01
C GLN A 192 -26.94 5.86 0.59
N GLN A 193 -26.35 5.17 -0.37
CA GLN A 193 -26.54 5.52 -1.77
C GLN A 193 -27.27 4.42 -2.51
N ASP A 194 -27.84 4.76 -3.67
CA ASP A 194 -28.56 3.80 -4.50
C ASP A 194 -27.58 2.84 -5.15
N GLY A 195 -28.11 1.80 -5.79
CA GLY A 195 -27.26 0.82 -6.43
C GLY A 195 -26.60 -0.10 -5.43
N LYS A 196 -25.61 -0.87 -5.87
CA LYS A 196 -24.92 -1.79 -4.99
C LYS A 196 -23.77 -1.09 -4.27
N SER A 197 -23.25 -1.75 -3.24
CA SER A 197 -22.15 -1.25 -2.46
C SER A 197 -21.36 -2.45 -1.95
N ASP A 198 -20.87 -3.27 -2.88
CA ASP A 198 -20.12 -4.47 -2.52
C ASP A 198 -18.74 -4.56 -3.14
N GLY A 199 -18.25 -3.47 -3.73
CA GLY A 199 -16.93 -3.50 -4.32
C GLY A 199 -16.92 -3.65 -5.83
N THR A 200 -18.05 -4.07 -6.40
CA THR A 200 -18.16 -4.25 -7.84
C THR A 200 -18.66 -2.99 -8.51
N GLU A 201 -19.14 -2.05 -7.70
CA GLU A 201 -19.65 -0.79 -8.20
C GLU A 201 -18.52 0.20 -8.51
N THR A 202 -18.81 1.18 -9.35
CA THR A 202 -17.84 2.20 -9.74
C THR A 202 -18.27 3.58 -9.27
N SER A 203 -19.34 3.62 -8.48
CA SER A 203 -19.87 4.88 -7.98
C SER A 203 -18.88 5.60 -7.08
N THR A 204 -18.75 6.89 -7.31
CA THR A 204 -17.84 7.75 -6.57
C THR A 204 -18.23 7.94 -5.11
N ASN A 205 -17.25 7.82 -4.22
CA ASN A 205 -17.42 7.99 -2.78
C ASN A 205 -17.22 9.46 -2.36
N LEU A 206 -18.28 10.12 -1.92
CA LEU A 206 -18.19 11.52 -1.47
C LEU A 206 -19.02 11.74 -0.20
N HIS A 207 -18.70 12.82 0.50
CA HIS A 207 -19.39 13.16 1.73
C HIS A 207 -19.21 12.17 2.87
N GLN A 208 -17.96 11.77 3.11
CA GLN A 208 -17.68 10.88 4.23
C GLN A 208 -17.90 11.74 5.46
N LYS A 209 -18.64 11.21 6.42
CA LYS A 209 -18.92 11.96 7.64
C LYS A 209 -18.30 11.29 8.84
N LEU A 210 -18.27 12.02 9.96
CA LEU A 210 -17.70 11.48 11.19
C LEU A 210 -18.85 11.22 12.16
N TYR A 211 -18.97 9.97 12.58
CA TYR A 211 -20.02 9.60 13.52
C TYR A 211 -19.43 9.08 14.81
N TYR A 212 -20.28 8.96 15.81
CA TYR A 212 -19.90 8.46 17.12
C TYR A 212 -20.94 7.41 17.46
N HIS A 213 -20.49 6.20 17.69
CA HIS A 213 -21.39 5.11 18.03
C HIS A 213 -21.29 4.69 19.50
N VAL A 214 -22.41 4.80 20.20
CA VAL A 214 -22.53 4.42 21.60
C VAL A 214 -22.88 2.93 21.68
N LEU A 215 -22.01 2.16 22.32
CA LEU A 215 -22.17 0.71 22.46
C LEU A 215 -23.50 0.31 23.07
N GLY A 216 -24.10 -0.74 22.55
CA GLY A 216 -25.38 -1.18 23.09
C GLY A 216 -26.54 -0.54 22.37
N THR A 217 -26.24 0.20 21.32
CA THR A 217 -27.27 0.88 20.53
C THR A 217 -27.20 0.44 19.06
N ASP A 218 -28.16 0.90 18.27
CA ASP A 218 -28.22 0.58 16.85
C ASP A 218 -27.56 1.73 16.08
N GLN A 219 -27.02 1.45 14.90
CA GLN A 219 -26.35 2.47 14.07
C GLN A 219 -27.23 3.66 13.69
N SER A 220 -28.53 3.43 13.60
CA SER A 220 -29.44 4.52 13.26
C SER A 220 -29.34 5.60 14.33
N GLU A 221 -28.85 5.23 15.50
CA GLU A 221 -28.75 6.17 16.60
C GLU A 221 -27.44 6.94 16.66
N ASP A 222 -26.42 6.51 15.92
CA ASP A 222 -25.12 7.16 15.95
C ASP A 222 -25.22 8.68 15.86
N ILE A 223 -24.25 9.38 16.46
CA ILE A 223 -24.20 10.84 16.49
C ILE A 223 -23.30 11.36 15.39
N LEU A 224 -23.75 12.35 14.63
CA LEU A 224 -22.94 12.91 13.57
C LEU A 224 -22.10 13.96 14.26
N CYS A 225 -20.77 13.78 14.25
CA CYS A 225 -19.88 14.69 14.94
C CYS A 225 -19.11 15.67 14.05
N ALA A 226 -19.12 15.43 12.75
CA ALA A 226 -18.44 16.34 11.84
C ALA A 226 -18.80 16.00 10.39
N GLU A 227 -19.08 17.04 9.60
CA GLU A 227 -19.43 16.88 8.19
C GLU A 227 -19.09 18.16 7.45
N PHE A 228 -18.65 18.00 6.21
CA PHE A 228 -18.27 19.13 5.38
C PHE A 228 -19.05 19.11 4.07
N PRO A 229 -20.31 19.57 4.12
CA PRO A 229 -21.24 19.62 2.98
C PRO A 229 -20.79 20.52 1.83
N ASP A 230 -19.86 21.41 2.11
CA ASP A 230 -19.34 22.32 1.10
C ASP A 230 -18.13 21.70 0.41
N GLU A 231 -17.54 20.68 1.04
CA GLU A 231 -16.38 19.99 0.51
C GLU A 231 -16.57 18.47 0.52
N PRO A 232 -17.16 17.94 -0.55
CA PRO A 232 -17.48 16.53 -0.80
C PRO A 232 -16.31 15.57 -0.72
N LYS A 233 -15.12 16.09 -1.01
CA LYS A 233 -13.92 15.30 -1.02
C LYS A 233 -13.15 15.15 0.28
N TRP A 234 -13.37 16.06 1.22
CA TRP A 234 -12.67 16.03 2.49
C TRP A 234 -13.00 14.78 3.30
N MET A 235 -12.03 14.35 4.10
CA MET A 235 -12.17 13.18 4.95
C MET A 235 -11.55 13.52 6.29
N GLY A 236 -12.29 13.27 7.35
CA GLY A 236 -11.78 13.61 8.66
C GLY A 236 -11.61 12.42 9.57
N GLY A 237 -10.36 12.09 9.87
CA GLY A 237 -10.11 10.98 10.76
C GLY A 237 -9.95 11.57 12.16
N ALA A 238 -10.34 10.80 13.16
CA ALA A 238 -10.25 11.25 14.54
C ALA A 238 -9.46 10.31 15.41
N GLU A 239 -8.94 10.84 16.51
CA GLU A 239 -8.20 10.08 17.50
C GLU A 239 -8.22 10.89 18.78
N LEU A 240 -8.02 10.18 19.88
CA LEU A 240 -8.02 10.77 21.20
C LEU A 240 -6.59 10.99 21.62
N SER A 241 -6.35 12.02 22.42
CA SER A 241 -5.00 12.28 22.91
C SER A 241 -4.77 11.27 24.02
N ASP A 242 -3.51 11.06 24.38
CA ASP A 242 -3.13 10.11 25.42
C ASP A 242 -3.90 10.22 26.72
N ASP A 243 -4.32 11.43 27.08
CA ASP A 243 -5.07 11.66 28.32
C ASP A 243 -6.59 11.55 28.13
N GLY A 244 -7.02 11.21 26.91
CA GLY A 244 -8.44 11.05 26.61
C GLY A 244 -9.27 12.31 26.67
N ARG A 245 -8.62 13.45 26.79
CA ARG A 245 -9.32 14.72 26.93
C ARG A 245 -9.64 15.46 25.64
N TYR A 246 -8.85 15.26 24.60
CA TYR A 246 -9.07 15.96 23.35
C TYR A 246 -9.38 15.05 22.18
N VAL A 247 -10.26 15.50 21.28
CA VAL A 247 -10.55 14.73 20.10
C VAL A 247 -9.85 15.51 19.00
N LEU A 248 -8.79 14.92 18.44
CA LEU A 248 -8.05 15.58 17.36
C LEU A 248 -8.63 15.11 16.04
N LEU A 249 -8.96 16.05 15.17
CA LEU A 249 -9.53 15.71 13.87
C LEU A 249 -8.64 16.18 12.75
N SER A 250 -8.06 15.21 12.04
CA SER A 250 -7.17 15.50 10.91
C SER A 250 -8.00 15.50 9.66
N ILE A 251 -8.12 16.64 9.02
CA ILE A 251 -8.91 16.75 7.82
C ILE A 251 -8.01 16.68 6.59
N ARG A 252 -8.34 15.75 5.71
CA ARG A 252 -7.56 15.51 4.50
C ARG A 252 -8.34 15.62 3.20
N GLU A 253 -7.63 15.98 2.14
CA GLU A 253 -8.22 16.11 0.82
C GLU A 253 -7.20 15.55 -0.16
N GLY A 254 -7.41 14.31 -0.59
CA GLY A 254 -6.46 13.72 -1.51
C GLY A 254 -5.43 12.90 -0.77
N CYS A 255 -4.32 12.60 -1.44
CA CYS A 255 -3.27 11.80 -0.83
C CYS A 255 -2.00 12.56 -0.47
N ASP A 256 -2.09 13.89 -0.46
CA ASP A 256 -0.92 14.71 -0.14
C ASP A 256 -0.57 14.67 1.34
N PRO A 257 0.74 14.72 1.65
CA PRO A 257 1.21 14.70 3.04
C PRO A 257 0.88 16.02 3.75
N VAL A 258 -0.40 16.35 3.81
CA VAL A 258 -0.86 17.58 4.45
C VAL A 258 -2.27 17.39 4.99
N ASN A 259 -2.58 18.04 6.10
CA ASN A 259 -3.90 17.92 6.69
C ASN A 259 -4.29 19.13 7.51
N ARG A 260 -5.59 19.33 7.71
CA ARG A 260 -6.07 20.42 8.54
C ARG A 260 -6.09 19.81 9.95
N LEU A 261 -5.97 20.63 10.98
CA LEU A 261 -5.99 20.07 12.31
C LEU A 261 -6.94 20.80 13.25
N TRP A 262 -8.10 20.20 13.51
CA TRP A 262 -9.08 20.80 14.42
C TRP A 262 -9.11 19.92 15.65
N TYR A 263 -9.41 20.50 16.80
CA TYR A 263 -9.46 19.74 18.02
C TYR A 263 -10.70 20.13 18.79
N CYS A 264 -11.07 19.27 19.73
CA CYS A 264 -12.24 19.48 20.56
C CYS A 264 -11.86 19.09 21.97
N ASP A 265 -12.08 20.00 22.90
CA ASP A 265 -11.79 19.78 24.32
C ASP A 265 -13.04 19.13 24.87
N LEU A 266 -12.98 17.82 25.09
CA LEU A 266 -14.10 17.05 25.61
C LEU A 266 -14.68 17.54 26.93
N GLN A 267 -13.91 18.33 27.68
CA GLN A 267 -14.42 18.84 28.95
C GLN A 267 -15.29 20.07 28.72
N GLN A 268 -15.19 20.65 27.52
CA GLN A 268 -15.93 21.84 27.16
C GLN A 268 -17.32 21.53 26.57
N GLU A 269 -17.58 20.25 26.26
CA GLU A 269 -18.87 19.87 25.72
C GLU A 269 -19.89 19.88 26.87
N SER A 270 -20.92 20.71 26.73
CA SER A 270 -21.95 20.83 27.75
C SER A 270 -22.38 19.50 28.37
N ASN A 271 -22.90 18.58 27.56
CA ASN A 271 -23.32 17.27 28.08
C ASN A 271 -22.75 16.10 27.28
N GLY A 272 -21.47 16.16 26.95
CA GLY A 272 -20.86 15.08 26.20
C GLY A 272 -21.14 15.12 24.71
N ILE A 273 -20.98 13.98 24.05
CA ILE A 273 -21.19 13.92 22.61
C ILE A 273 -22.64 13.67 22.27
N THR A 274 -23.33 14.76 21.91
CA THR A 274 -24.74 14.72 21.57
C THR A 274 -24.98 15.26 20.16
N GLY A 275 -23.90 15.65 19.50
CA GLY A 275 -24.02 16.18 18.15
C GLY A 275 -22.71 16.75 17.64
N ILE A 276 -22.79 17.71 16.72
CA ILE A 276 -21.59 18.33 16.17
C ILE A 276 -20.78 19.02 17.26
N LEU A 277 -19.55 18.54 17.47
CA LEU A 277 -18.66 19.09 18.50
C LEU A 277 -18.20 20.54 18.30
N LYS A 278 -17.70 21.14 19.37
CA LYS A 278 -17.24 22.52 19.33
C LYS A 278 -15.78 22.51 18.92
N TRP A 279 -15.56 22.20 17.63
CA TRP A 279 -14.23 22.12 17.06
C TRP A 279 -13.49 23.44 17.09
N VAL A 280 -12.19 23.38 17.40
CA VAL A 280 -11.36 24.58 17.39
C VAL A 280 -10.43 24.38 16.20
N LYS A 281 -10.56 25.25 15.21
CA LYS A 281 -9.74 25.17 14.02
C LYS A 281 -8.30 25.60 14.24
N LEU A 282 -7.52 24.75 14.89
CA LEU A 282 -6.11 25.04 15.18
C LEU A 282 -5.37 25.38 13.89
N ILE A 283 -5.15 24.36 13.05
CA ILE A 283 -4.46 24.52 11.77
C ILE A 283 -5.52 24.43 10.69
N ASP A 284 -6.00 25.56 10.20
CA ASP A 284 -7.03 25.59 9.19
C ASP A 284 -6.55 25.75 7.75
N ASN A 285 -5.64 24.89 7.31
CA ASN A 285 -5.15 24.97 5.94
C ASN A 285 -4.50 23.65 5.53
N PHE A 286 -4.10 23.53 4.28
CA PHE A 286 -3.47 22.29 3.82
C PHE A 286 -2.01 22.54 3.42
N GLU A 287 -1.31 23.34 4.20
CA GLU A 287 0.10 23.67 3.91
C GLU A 287 1.11 22.67 4.43
N GLY A 288 0.72 21.89 5.43
CA GLY A 288 1.65 20.92 5.96
C GLY A 288 0.97 19.82 6.73
N GLU A 289 1.67 18.70 6.90
CA GLU A 289 1.12 17.57 7.65
C GLU A 289 1.48 17.73 9.11
N TYR A 290 0.53 17.39 9.99
CA TYR A 290 0.71 17.45 11.45
C TYR A 290 0.23 16.12 12.02
N ASP A 291 1.16 15.21 12.28
CA ASP A 291 0.85 13.89 12.81
C ASP A 291 1.08 13.80 14.32
N TYR A 292 0.02 13.57 15.08
CA TYR A 292 0.08 13.49 16.55
C TYR A 292 0.94 12.38 17.15
N VAL A 293 1.84 12.77 18.06
CA VAL A 293 2.75 11.83 18.73
C VAL A 293 2.31 11.66 20.19
N THR A 294 2.32 12.74 20.95
CA THR A 294 1.88 12.71 22.34
C THR A 294 1.64 14.12 22.87
N ASN A 295 1.16 14.23 24.11
CA ASN A 295 0.93 15.53 24.72
C ASN A 295 1.13 15.50 26.22
N GLU A 296 1.51 16.66 26.76
CA GLU A 296 1.75 16.84 28.19
C GLU A 296 0.94 18.08 28.53
N GLY A 297 -0.24 17.87 29.11
CA GLY A 297 -1.08 19.00 29.40
C GLY A 297 -1.56 19.55 28.06
N THR A 298 -1.42 20.85 27.87
CA THR A 298 -1.84 21.49 26.63
C THR A 298 -0.73 21.63 25.60
N VAL A 299 0.44 21.05 25.88
CA VAL A 299 1.56 21.11 24.92
C VAL A 299 1.54 19.83 24.10
N PHE A 300 1.24 19.95 22.82
CA PHE A 300 1.19 18.78 21.95
C PHE A 300 2.42 18.63 21.09
N THR A 301 2.90 17.40 20.96
CA THR A 301 4.08 17.12 20.13
C THR A 301 3.60 16.50 18.82
N PHE A 302 3.99 17.10 17.70
CA PHE A 302 3.59 16.66 16.35
C PHE A 302 4.75 16.39 15.40
N LYS A 303 4.62 15.38 14.54
CA LYS A 303 5.63 15.14 13.52
C LYS A 303 5.05 15.95 12.37
N THR A 304 5.84 16.84 11.79
CA THR A 304 5.33 17.68 10.71
C THR A 304 6.32 17.76 9.56
N ASN A 305 5.85 18.23 8.42
CA ASN A 305 6.70 18.39 7.26
C ASN A 305 6.64 19.85 6.83
N ARG A 306 6.16 20.69 7.72
CA ARG A 306 6.06 22.12 7.44
C ARG A 306 7.45 22.76 7.34
N HIS A 307 7.83 23.14 6.13
CA HIS A 307 9.14 23.76 5.89
C HIS A 307 10.21 22.74 6.19
N SER A 308 9.81 21.47 6.27
CA SER A 308 10.70 20.36 6.58
C SER A 308 10.32 19.14 5.75
N PRO A 309 10.80 19.08 4.50
CA PRO A 309 10.56 18.00 3.53
C PRO A 309 10.93 16.60 4.01
N ASN A 310 11.86 16.54 4.97
CA ASN A 310 12.30 15.27 5.53
C ASN A 310 11.72 15.07 6.90
N TYR A 311 10.82 15.98 7.28
CA TYR A 311 10.10 15.94 8.55
C TYR A 311 10.91 16.22 9.83
N ARG A 312 10.20 16.59 10.88
CA ARG A 312 10.78 16.89 12.19
C ARG A 312 9.69 16.90 13.26
N LEU A 313 10.08 17.10 14.52
CA LEU A 313 9.12 17.14 15.62
C LEU A 313 8.99 18.56 16.14
N ILE A 314 7.78 18.99 16.43
CA ILE A 314 7.55 20.34 16.94
C ILE A 314 6.47 20.27 18.01
N ASN A 315 6.57 21.15 19.01
CA ASN A 315 5.59 21.21 20.08
C ASN A 315 4.71 22.44 19.90
N ILE A 316 3.41 22.27 20.10
CA ILE A 316 2.45 23.36 20.01
C ILE A 316 1.69 23.46 21.32
N ASP A 317 1.59 24.67 21.85
CA ASP A 317 0.86 24.91 23.09
C ASP A 317 -0.49 25.43 22.66
N PHE A 318 -1.54 24.69 22.97
CA PHE A 318 -2.89 25.08 22.59
C PHE A 318 -3.29 26.41 23.25
N THR A 319 -2.53 26.83 24.26
CA THR A 319 -2.79 28.09 24.97
C THR A 319 -2.02 29.25 24.35
N ASP A 320 -1.19 28.95 23.36
CA ASP A 320 -0.39 29.95 22.65
C ASP A 320 -0.03 29.30 21.33
N PRO A 321 -1.04 29.12 20.47
CA PRO A 321 -0.99 28.51 19.12
C PRO A 321 -0.21 29.20 18.04
N GLU A 322 0.05 30.50 18.20
CA GLU A 322 0.80 31.26 17.19
C GLU A 322 2.04 30.52 16.68
N GLU A 323 2.15 30.37 15.36
CA GLU A 323 3.29 29.69 14.76
C GLU A 323 4.58 30.26 15.33
N SER A 324 4.61 31.57 15.50
CA SER A 324 5.78 32.25 16.03
C SER A 324 6.17 31.70 17.41
N LYS A 325 5.44 30.70 17.88
CA LYS A 325 5.73 30.15 19.21
C LYS A 325 5.94 28.64 19.28
N TRP A 326 5.96 27.96 18.14
CA TRP A 326 6.17 26.52 18.17
C TRP A 326 7.63 26.26 18.48
N LYS A 327 7.89 25.25 19.31
CA LYS A 327 9.24 24.89 19.68
C LYS A 327 9.65 23.65 18.89
N VAL A 328 10.84 23.67 18.31
CA VAL A 328 11.35 22.54 17.53
C VAL A 328 12.02 21.57 18.51
N LEU A 329 11.43 20.38 18.67
CA LEU A 329 11.97 19.39 19.59
C LEU A 329 13.15 18.63 18.97
N VAL A 330 12.94 18.06 17.78
CA VAL A 330 13.99 17.34 17.07
C VAL A 330 14.05 17.94 15.66
N PRO A 331 15.08 18.77 15.40
CA PRO A 331 15.23 19.40 14.08
C PRO A 331 15.26 18.43 12.93
N GLU A 332 14.90 18.92 11.74
CA GLU A 332 14.87 18.06 10.56
C GLU A 332 16.28 17.64 10.19
N HIS A 333 16.43 16.42 9.73
CA HIS A 333 17.73 15.92 9.31
C HIS A 333 17.93 16.40 7.88
N GLU A 334 19.18 16.65 7.52
CA GLU A 334 19.50 17.14 6.19
C GLU A 334 19.37 16.06 5.15
N LYS A 335 19.44 14.80 5.59
CA LYS A 335 19.34 13.68 4.66
C LYS A 335 18.31 12.62 5.05
N ASP A 336 18.44 12.11 6.27
CA ASP A 336 17.52 11.07 6.76
C ASP A 336 16.09 11.60 6.85
N VAL A 337 15.13 10.74 6.51
CA VAL A 337 13.70 11.08 6.55
C VAL A 337 13.14 10.44 7.82
N LEU A 338 12.45 11.24 8.64
CA LEU A 338 11.88 10.71 9.87
C LEU A 338 10.57 10.00 9.57
N GLU A 339 10.64 8.67 9.41
CA GLU A 339 9.49 7.83 9.09
C GLU A 339 8.30 7.98 10.04
N TRP A 340 8.47 7.55 11.28
CA TRP A 340 7.41 7.66 12.25
C TRP A 340 7.99 7.84 13.64
N VAL A 341 7.14 8.24 14.58
CA VAL A 341 7.56 8.48 15.96
C VAL A 341 6.55 7.85 16.89
N ALA A 342 7.01 7.36 18.02
CA ALA A 342 6.10 6.76 18.99
C ALA A 342 6.58 7.25 20.35
N CYS A 343 5.67 7.33 21.31
CA CYS A 343 6.01 7.75 22.66
C CYS A 343 5.76 6.52 23.51
N VAL A 344 6.75 6.16 24.31
CA VAL A 344 6.62 4.97 25.15
C VAL A 344 7.32 5.21 26.50
N ARG A 345 6.79 4.58 27.53
CA ARG A 345 7.33 4.71 28.87
C ARG A 345 7.24 6.17 29.33
N SER A 346 6.08 6.77 29.08
CA SER A 346 5.82 8.15 29.50
C SER A 346 6.63 9.25 28.84
N ASN A 347 7.95 9.12 28.82
CA ASN A 347 8.78 10.17 28.25
C ASN A 347 9.83 9.74 27.26
N PHE A 348 9.63 8.62 26.58
CA PHE A 348 10.61 8.18 25.61
C PHE A 348 10.01 8.33 24.22
N LEU A 349 10.84 8.67 23.26
CA LEU A 349 10.39 8.80 21.89
C LEU A 349 11.21 7.84 21.04
N VAL A 350 10.51 7.10 20.20
CA VAL A 350 11.11 6.13 19.30
C VAL A 350 11.04 6.77 17.93
N LEU A 351 12.17 7.20 17.41
CA LEU A 351 12.20 7.81 16.10
C LEU A 351 12.74 6.76 15.14
N CYS A 352 12.02 6.56 14.04
CA CYS A 352 12.43 5.62 13.02
C CYS A 352 12.74 6.44 11.77
N TYR A 353 13.99 6.42 11.35
CA TYR A 353 14.42 7.19 10.18
C TYR A 353 14.64 6.28 8.99
N LEU A 354 14.70 6.90 7.82
CA LEU A 354 15.00 6.18 6.59
C LEU A 354 16.33 6.80 6.17
N HIS A 355 17.40 6.01 6.28
CA HIS A 355 18.73 6.45 5.89
C HIS A 355 19.13 5.69 4.65
N ASP A 356 19.06 6.36 3.50
CA ASP A 356 19.41 5.74 2.25
C ASP A 356 18.62 4.45 2.06
N VAL A 357 17.29 4.57 2.11
CA VAL A 357 16.38 3.45 1.94
C VAL A 357 16.53 2.33 2.97
N LYS A 358 17.11 2.66 4.12
CA LYS A 358 17.29 1.69 5.22
C LYS A 358 16.73 2.32 6.49
N ASN A 359 16.21 1.48 7.39
CA ASN A 359 15.64 1.99 8.64
C ASN A 359 16.65 2.00 9.78
N THR A 360 16.41 2.88 10.75
CA THR A 360 17.24 3.00 11.94
C THR A 360 16.32 3.39 13.08
N LEU A 361 16.57 2.85 14.26
CA LEU A 361 15.74 3.14 15.44
C LEU A 361 16.60 3.82 16.51
N GLN A 362 16.09 4.92 17.05
CA GLN A 362 16.77 5.65 18.11
C GLN A 362 15.80 6.02 19.20
N LEU A 363 16.32 6.09 20.43
CA LEU A 363 15.53 6.45 21.59
C LEU A 363 15.88 7.89 21.95
N HIS A 364 14.87 8.74 21.95
CA HIS A 364 15.06 10.15 22.27
C HIS A 364 14.32 10.50 23.54
N ASP A 365 14.66 11.64 24.12
CA ASP A 365 14.04 12.11 25.35
C ASP A 365 12.92 13.11 25.02
N LEU A 366 11.74 12.91 25.56
CA LEU A 366 10.62 13.80 25.27
C LEU A 366 10.89 15.25 25.69
N ALA A 367 11.33 15.43 26.94
CA ALA A 367 11.60 16.77 27.47
C ALA A 367 12.47 17.63 26.56
N THR A 368 13.67 17.14 26.25
CA THR A 368 14.63 17.89 25.42
C THR A 368 14.74 17.39 23.98
N GLY A 369 14.43 16.12 23.77
CA GLY A 369 14.48 15.57 22.43
C GLY A 369 15.88 15.13 22.05
N ALA A 370 16.73 14.97 23.06
CA ALA A 370 18.11 14.55 22.84
C ALA A 370 18.18 13.06 22.56
N LEU A 371 19.22 12.66 21.81
CA LEU A 371 19.46 11.28 21.45
C LEU A 371 19.95 10.52 22.66
N LEU A 372 19.21 9.48 23.05
CA LEU A 372 19.57 8.66 24.20
C LEU A 372 20.22 7.34 23.78
N LYS A 373 19.72 6.74 22.72
CA LYS A 373 20.28 5.47 22.28
C LYS A 373 19.96 5.09 20.85
N ILE A 374 20.88 4.39 20.21
CA ILE A 374 20.65 3.92 18.87
C ILE A 374 20.52 2.41 18.97
N PHE A 375 19.56 1.83 18.27
CA PHE A 375 19.38 0.39 18.32
C PHE A 375 20.00 -0.23 17.08
N PRO A 376 21.02 -1.08 17.27
CA PRO A 376 21.68 -1.72 16.13
C PRO A 376 20.67 -2.45 15.25
N LEU A 377 20.81 -2.22 13.94
CA LEU A 377 19.94 -2.82 12.95
C LEU A 377 20.75 -3.10 11.67
N GLU A 378 20.66 -4.31 11.16
CA GLU A 378 21.37 -4.66 9.93
C GLU A 378 20.68 -3.89 8.81
N VAL A 379 21.05 -4.14 7.57
CA VAL A 379 20.43 -3.44 6.46
C VAL A 379 19.07 -4.05 6.14
N GLY A 380 18.03 -3.23 6.19
CA GLY A 380 16.67 -3.68 5.92
C GLY A 380 15.68 -2.67 6.44
N SER A 381 14.48 -3.14 6.81
CA SER A 381 13.47 -2.23 7.32
C SER A 381 12.69 -2.77 8.51
N VAL A 382 12.14 -1.85 9.30
CA VAL A 382 11.35 -2.23 10.46
C VAL A 382 9.89 -2.17 9.98
N VAL A 383 9.24 -3.35 9.93
CA VAL A 383 7.86 -3.46 9.48
C VAL A 383 6.88 -3.75 10.61
N GLY A 384 7.36 -3.68 11.84
CA GLY A 384 6.49 -3.94 12.96
C GLY A 384 7.02 -3.21 14.18
N TYR A 385 6.11 -2.79 15.05
CA TYR A 385 6.48 -2.09 16.27
C TYR A 385 5.30 -1.93 17.20
N SER A 386 5.56 -2.06 18.49
CA SER A 386 4.53 -1.92 19.50
C SER A 386 5.17 -1.24 20.70
N GLY A 387 4.44 -0.30 21.30
CA GLY A 387 4.93 0.43 22.46
C GLY A 387 4.18 1.74 22.60
N GLN A 388 3.20 1.76 23.51
CA GLN A 388 2.37 2.93 23.76
C GLN A 388 2.90 3.73 24.95
N LYS A 389 2.43 4.97 25.09
CA LYS A 389 2.90 5.83 26.18
C LYS A 389 2.83 5.18 27.54
N LYS A 390 1.84 4.30 27.72
CA LYS A 390 1.64 3.62 28.99
C LYS A 390 2.49 2.37 29.14
N ASP A 391 3.12 1.95 28.05
CA ASP A 391 3.95 0.75 28.05
C ASP A 391 5.35 1.04 28.55
N THR A 392 5.91 0.09 29.28
CA THR A 392 7.24 0.23 29.84
C THR A 392 8.25 -0.64 29.09
N GLU A 393 7.87 -1.04 27.89
CA GLU A 393 8.70 -1.88 27.03
C GLU A 393 8.30 -1.70 25.56
N ILE A 394 9.17 -2.11 24.64
CA ILE A 394 8.87 -1.99 23.21
C ILE A 394 9.22 -3.27 22.44
N PHE A 395 8.54 -3.48 21.32
CA PHE A 395 8.76 -4.64 20.47
C PHE A 395 8.88 -4.09 19.04
N TYR A 396 9.76 -4.67 18.23
CA TYR A 396 9.87 -4.24 16.84
C TYR A 396 10.38 -5.38 15.96
N GLN A 397 9.86 -5.45 14.75
CA GLN A 397 10.22 -6.48 13.81
C GLN A 397 11.06 -5.97 12.65
N PHE A 398 12.19 -6.64 12.42
CA PHE A 398 13.11 -6.30 11.35
C PHE A 398 12.96 -7.32 10.19
N THR A 399 13.05 -6.81 8.96
CA THR A 399 12.94 -7.65 7.77
C THR A 399 13.90 -7.16 6.68
N SER A 400 14.38 -8.09 5.85
CA SER A 400 15.29 -7.72 4.78
C SER A 400 15.04 -8.64 3.58
N PHE A 401 15.88 -8.56 2.56
CA PHE A 401 15.73 -9.40 1.37
C PHE A 401 15.97 -10.90 1.63
N LEU A 402 16.80 -11.21 2.61
CA LEU A 402 17.10 -12.61 2.92
C LEU A 402 16.76 -12.97 4.37
N SER A 403 16.19 -12.01 5.08
CA SER A 403 15.79 -12.23 6.46
C SER A 403 14.27 -12.16 6.56
N PRO A 404 13.64 -13.31 6.85
CA PRO A 404 12.18 -13.37 6.96
C PRO A 404 11.66 -12.44 8.06
N GLY A 405 12.50 -12.18 9.07
CA GLY A 405 12.07 -11.29 10.12
C GLY A 405 12.52 -11.63 11.53
N ILE A 406 13.07 -10.64 12.23
CA ILE A 406 13.51 -10.83 13.60
C ILE A 406 12.74 -9.84 14.47
N ILE A 407 12.11 -10.36 15.53
CA ILE A 407 11.35 -9.50 16.45
C ILE A 407 12.24 -9.27 17.66
N TYR A 408 12.48 -8.01 17.99
CA TYR A 408 13.32 -7.68 19.13
C TYR A 408 12.52 -7.13 20.29
N HIS A 409 13.02 -7.35 21.50
CA HIS A 409 12.36 -6.86 22.70
C HIS A 409 13.28 -5.93 23.46
N CYS A 410 12.70 -5.04 24.26
CA CYS A 410 13.50 -4.14 25.07
C CYS A 410 12.73 -3.62 26.27
N ASP A 411 13.16 -4.06 27.46
CA ASP A 411 12.55 -3.64 28.71
C ASP A 411 13.12 -2.25 29.01
N LEU A 412 12.29 -1.22 28.84
CA LEU A 412 12.71 0.16 29.06
C LEU A 412 12.81 0.54 30.52
N THR A 413 12.39 -0.37 31.41
CA THR A 413 12.44 -0.10 32.84
C THR A 413 13.79 -0.51 33.43
N LYS A 414 14.79 -0.72 32.58
CA LYS A 414 16.10 -1.15 33.04
C LYS A 414 17.20 -0.14 32.75
N GLU A 415 18.09 0.04 33.72
CA GLU A 415 19.20 0.97 33.59
C GLU A 415 19.88 0.82 32.23
N GLU A 416 20.29 -0.40 31.91
CA GLU A 416 20.96 -0.68 30.64
C GLU A 416 19.91 -1.09 29.61
N LEU A 417 19.64 -0.21 28.66
CA LEU A 417 18.65 -0.50 27.63
C LEU A 417 19.21 -1.42 26.58
N GLU A 418 19.35 -2.69 26.91
CA GLU A 418 19.90 -3.64 25.95
C GLU A 418 18.76 -4.43 25.31
N PRO A 419 18.60 -4.28 24.00
CA PRO A 419 17.55 -5.00 23.28
C PRO A 419 18.00 -6.42 23.02
N ARG A 420 17.11 -7.37 23.22
CA ARG A 420 17.42 -8.78 23.00
C ARG A 420 16.48 -9.33 21.93
N VAL A 421 16.90 -10.42 21.28
CA VAL A 421 16.08 -11.07 20.25
C VAL A 421 14.96 -11.84 20.95
N PHE A 422 13.73 -11.55 20.58
CA PHE A 422 12.58 -12.22 21.17
C PHE A 422 12.19 -13.42 20.30
N ARG A 423 12.17 -13.24 18.98
CA ARG A 423 11.81 -14.31 18.07
C ARG A 423 12.55 -14.15 16.74
N GLU A 424 12.95 -15.27 16.14
CA GLU A 424 13.67 -15.24 14.87
C GLU A 424 13.18 -16.33 13.92
N VAL A 425 12.63 -15.92 12.78
CA VAL A 425 12.13 -16.87 11.80
C VAL A 425 13.17 -17.21 10.74
N THR A 426 13.15 -18.45 10.29
CA THR A 426 14.08 -18.90 9.26
C THR A 426 13.33 -19.78 8.26
N VAL A 427 13.65 -19.63 6.99
CA VAL A 427 13.00 -20.39 5.94
C VAL A 427 13.95 -21.38 5.27
N LYS A 428 14.08 -22.56 5.87
CA LYS A 428 14.95 -23.62 5.34
C LYS A 428 14.66 -23.84 3.85
N GLY A 429 15.66 -24.32 3.12
CA GLY A 429 15.48 -24.56 1.70
C GLY A 429 16.10 -23.40 0.93
N ILE A 430 16.48 -22.38 1.69
CA ILE A 430 17.10 -21.19 1.16
C ILE A 430 18.33 -20.88 2.01
N ASP A 431 19.46 -20.68 1.35
CA ASP A 431 20.71 -20.38 2.04
C ASP A 431 21.18 -18.96 1.77
N ALA A 432 20.90 -18.07 2.70
CA ALA A 432 21.27 -16.66 2.59
C ALA A 432 22.71 -16.45 2.15
N SER A 433 23.61 -17.29 2.67
CA SER A 433 25.03 -17.19 2.35
C SER A 433 25.33 -17.31 0.85
N ASP A 434 24.37 -17.82 0.09
CA ASP A 434 24.57 -17.98 -1.34
C ASP A 434 24.22 -16.76 -2.16
N TYR A 435 23.41 -15.87 -1.59
CA TYR A 435 22.99 -14.68 -2.31
C TYR A 435 23.61 -13.43 -1.73
N GLN A 436 23.77 -12.42 -2.59
CA GLN A 436 24.36 -11.18 -2.17
C GLN A 436 23.47 -9.99 -2.53
N THR A 437 23.31 -9.08 -1.58
CA THR A 437 22.51 -7.88 -1.76
C THR A 437 23.49 -6.71 -1.94
N VAL A 438 23.23 -5.86 -2.92
CA VAL A 438 24.09 -4.70 -3.14
C VAL A 438 23.21 -3.51 -3.48
N GLN A 439 23.61 -2.32 -3.01
CA GLN A 439 22.86 -1.12 -3.32
C GLN A 439 23.73 -0.19 -4.15
N ILE A 440 23.25 0.16 -5.35
CA ILE A 440 24.00 1.05 -6.22
C ILE A 440 23.20 2.34 -6.40
N PHE A 441 23.80 3.30 -7.10
CA PHE A 441 23.17 4.58 -7.39
C PHE A 441 23.51 4.85 -8.84
N TYR A 442 22.49 5.10 -9.64
CA TYR A 442 22.69 5.33 -11.05
C TYR A 442 22.05 6.64 -11.45
N PRO A 443 22.68 7.40 -12.36
CA PRO A 443 22.08 8.68 -12.76
C PRO A 443 20.91 8.50 -13.73
N SER A 444 19.95 9.42 -13.64
CA SER A 444 18.77 9.38 -14.51
C SER A 444 19.01 10.34 -15.68
N LYS A 445 18.04 10.45 -16.57
CA LYS A 445 18.17 11.30 -17.73
C LYS A 445 18.66 12.71 -17.40
N ASP A 446 18.31 13.21 -16.23
CA ASP A 446 18.73 14.55 -15.84
C ASP A 446 19.94 14.54 -14.90
N GLY A 447 20.52 13.37 -14.68
CA GLY A 447 21.69 13.29 -13.82
C GLY A 447 21.43 12.95 -12.37
N THR A 448 20.19 13.14 -11.92
CA THR A 448 19.81 12.83 -10.56
C THR A 448 20.15 11.38 -10.23
N LYS A 449 21.00 11.17 -9.23
CA LYS A 449 21.39 9.82 -8.83
C LYS A 449 20.20 9.14 -8.15
N ILE A 450 19.88 7.93 -8.62
CA ILE A 450 18.75 7.16 -8.12
C ILE A 450 19.19 5.86 -7.46
N PRO A 451 18.68 5.56 -6.25
CA PRO A 451 19.07 4.33 -5.55
C PRO A 451 18.37 3.12 -6.14
N MET A 452 19.05 1.98 -6.11
CA MET A 452 18.48 0.74 -6.61
C MET A 452 19.12 -0.39 -5.84
N PHE A 453 18.32 -1.40 -5.52
CA PHE A 453 18.82 -2.56 -4.80
C PHE A 453 19.04 -3.68 -5.80
N ILE A 454 20.07 -4.49 -5.60
CA ILE A 454 20.35 -5.60 -6.49
C ILE A 454 20.62 -6.90 -5.75
N VAL A 455 19.90 -7.96 -6.14
CA VAL A 455 20.05 -9.26 -5.49
C VAL A 455 20.24 -10.38 -6.53
N HIS A 456 21.17 -11.28 -6.24
CA HIS A 456 21.47 -12.40 -7.11
C HIS A 456 22.39 -13.37 -6.37
N LYS A 457 22.56 -14.56 -6.91
CA LYS A 457 23.43 -15.57 -6.32
C LYS A 457 24.86 -15.05 -6.38
N LYS A 458 25.69 -15.47 -5.43
CA LYS A 458 27.09 -15.04 -5.39
C LYS A 458 27.90 -15.63 -6.54
N GLY A 459 28.89 -14.87 -7.00
CA GLY A 459 29.75 -15.36 -8.07
C GLY A 459 29.23 -15.32 -9.50
N ILE A 460 28.02 -14.84 -9.71
CA ILE A 460 27.48 -14.79 -11.06
C ILE A 460 28.33 -13.92 -11.97
N LYS A 461 28.46 -14.35 -13.21
CA LYS A 461 29.24 -13.64 -14.21
C LYS A 461 28.32 -12.67 -14.94
N LEU A 462 28.64 -11.38 -14.88
CA LEU A 462 27.83 -10.38 -15.53
C LEU A 462 28.05 -10.38 -17.04
N ASP A 463 27.27 -11.20 -17.74
CA ASP A 463 27.39 -11.28 -19.19
C ASP A 463 26.07 -11.00 -19.90
N GLY A 464 25.11 -10.44 -19.17
CA GLY A 464 23.83 -10.11 -19.74
C GLY A 464 23.04 -11.33 -20.18
N SER A 465 23.38 -12.48 -19.61
CA SER A 465 22.71 -13.72 -19.97
C SER A 465 21.68 -14.15 -18.91
N HIS A 466 21.52 -13.34 -17.87
CA HIS A 466 20.59 -13.67 -16.79
C HIS A 466 19.24 -12.99 -16.84
N PRO A 467 18.18 -13.74 -16.50
CA PRO A 467 16.85 -13.15 -16.50
C PRO A 467 16.82 -12.17 -15.31
N ALA A 468 16.37 -10.94 -15.57
CA ALA A 468 16.30 -9.93 -14.54
C ALA A 468 14.85 -9.55 -14.23
N PHE A 469 14.57 -9.29 -12.97
CA PHE A 469 13.22 -8.87 -12.55
C PHE A 469 13.34 -7.51 -11.88
N LEU A 470 12.95 -6.46 -12.60
CA LEU A 470 13.03 -5.10 -12.06
C LEU A 470 11.66 -4.66 -11.60
N TYR A 471 11.57 -4.24 -10.35
CA TYR A 471 10.32 -3.82 -9.75
C TYR A 471 10.35 -2.35 -9.31
N GLY A 472 9.19 -1.72 -9.27
CA GLY A 472 9.11 -0.33 -8.84
C GLY A 472 7.67 0.16 -8.72
N TYR A 473 7.47 1.26 -7.99
CA TYR A 473 6.15 1.87 -7.78
C TYR A 473 6.22 3.29 -8.34
N GLY A 474 6.81 4.19 -7.55
CA GLY A 474 7.00 5.56 -7.98
C GLY A 474 5.87 6.53 -7.76
N GLY A 475 5.46 6.73 -6.51
CA GLY A 475 4.40 7.69 -6.29
C GLY A 475 3.85 7.76 -4.88
N PHE A 476 2.93 8.68 -4.69
CA PHE A 476 2.24 8.91 -3.45
C PHE A 476 3.08 8.87 -2.17
N ASN A 477 4.32 9.34 -2.26
CA ASN A 477 5.14 9.37 -1.06
C ASN A 477 5.42 7.97 -0.47
N ILE A 478 5.22 6.94 -1.27
CA ILE A 478 5.47 5.57 -0.82
C ILE A 478 6.92 5.15 -1.10
N SER A 479 7.58 4.64 -0.06
CA SER A 479 8.97 4.19 -0.11
C SER A 479 9.06 2.66 -0.22
N ILE A 480 9.78 2.16 -1.23
CA ILE A 480 9.92 0.73 -1.40
C ILE A 480 11.20 0.30 -0.71
N THR A 481 11.06 -0.19 0.52
CA THR A 481 12.18 -0.63 1.33
C THR A 481 12.31 -2.16 1.27
N PRO A 482 13.42 -2.71 1.80
CA PRO A 482 13.71 -4.15 1.81
C PRO A 482 12.68 -5.04 2.52
N ASN A 483 12.09 -5.95 1.77
CA ASN A 483 11.10 -6.87 2.30
C ASN A 483 11.47 -8.29 1.90
N TYR A 484 10.95 -9.28 2.62
CA TYR A 484 11.22 -10.67 2.31
C TYR A 484 10.18 -11.14 1.30
N SER A 485 10.62 -11.97 0.37
CA SER A 485 9.71 -12.43 -0.67
C SER A 485 10.08 -13.80 -1.23
N VAL A 486 9.57 -14.85 -0.61
CA VAL A 486 9.83 -16.21 -1.06
C VAL A 486 9.60 -16.29 -2.57
N SER A 487 8.47 -15.76 -3.02
CA SER A 487 8.13 -15.79 -4.43
C SER A 487 9.28 -15.29 -5.29
N ARG A 488 9.88 -14.17 -4.91
CA ARG A 488 10.98 -13.62 -5.69
C ARG A 488 12.32 -14.35 -5.54
N LEU A 489 12.56 -14.96 -4.38
CA LEU A 489 13.81 -15.68 -4.16
C LEU A 489 13.84 -16.94 -5.01
N ILE A 490 12.67 -17.51 -5.28
CA ILE A 490 12.59 -18.73 -6.08
C ILE A 490 12.94 -18.36 -7.53
N PHE A 491 12.88 -17.08 -7.83
CA PHE A 491 13.20 -16.60 -9.17
C PHE A 491 14.72 -16.64 -9.30
N VAL A 492 15.40 -16.18 -8.25
CA VAL A 492 16.84 -16.16 -8.22
C VAL A 492 17.40 -17.57 -8.20
N ARG A 493 16.97 -18.37 -7.22
CA ARG A 493 17.45 -19.72 -7.05
C ARG A 493 17.02 -20.77 -8.08
N HIS A 494 15.74 -20.80 -8.44
CA HIS A 494 15.25 -21.80 -9.39
C HIS A 494 15.03 -21.33 -10.82
N MET A 495 15.40 -20.08 -11.09
CA MET A 495 15.25 -19.52 -12.43
C MET A 495 16.49 -18.72 -12.78
N GLY A 496 17.51 -18.83 -11.93
CA GLY A 496 18.74 -18.12 -12.16
C GLY A 496 18.54 -16.66 -12.51
N GLY A 497 17.64 -15.99 -11.81
CA GLY A 497 17.37 -14.60 -12.11
C GLY A 497 17.94 -13.57 -11.15
N VAL A 498 17.97 -12.33 -11.63
CA VAL A 498 18.49 -11.21 -10.85
C VAL A 498 17.33 -10.32 -10.38
N LEU A 499 17.31 -10.01 -9.09
CA LEU A 499 16.27 -9.18 -8.51
C LEU A 499 16.79 -7.75 -8.35
N ALA A 500 15.96 -6.76 -8.66
CA ALA A 500 16.38 -5.38 -8.51
C ALA A 500 15.20 -4.44 -8.27
N VAL A 501 15.33 -3.54 -7.29
CA VAL A 501 14.27 -2.58 -6.96
C VAL A 501 14.77 -1.13 -7.06
N ALA A 502 14.17 -0.35 -7.96
CA ALA A 502 14.54 1.05 -8.17
C ALA A 502 13.70 2.00 -7.34
N ASN A 503 14.35 2.85 -6.55
CA ASN A 503 13.63 3.79 -5.73
C ASN A 503 13.51 5.12 -6.47
N ILE A 504 12.88 5.00 -7.64
CA ILE A 504 12.64 6.13 -8.53
C ILE A 504 11.89 7.23 -7.82
N ARG A 505 11.94 8.42 -8.40
CA ARG A 505 11.27 9.56 -7.82
C ARG A 505 9.76 9.39 -7.79
N GLY A 506 9.10 10.18 -6.96
CA GLY A 506 7.66 10.09 -6.82
C GLY A 506 7.32 9.45 -5.50
N GLY A 507 8.31 8.74 -4.93
CA GLY A 507 8.14 8.06 -3.66
C GLY A 507 8.67 8.93 -2.54
N GLY A 508 8.84 8.37 -1.35
CA GLY A 508 9.33 9.20 -0.27
C GLY A 508 10.66 8.78 0.31
N GLU A 509 11.44 8.01 -0.46
CA GLU A 509 12.72 7.57 0.03
C GLU A 509 13.57 8.77 0.44
N TYR A 510 13.36 9.92 -0.20
CA TYR A 510 14.12 11.12 0.14
C TYR A 510 13.30 12.35 0.51
N GLY A 511 12.18 12.16 1.21
CA GLY A 511 11.37 13.29 1.61
C GLY A 511 10.40 13.78 0.54
N GLU A 512 9.58 14.76 0.91
CA GLU A 512 8.58 15.31 0.00
C GLU A 512 9.21 15.80 -1.28
N THR A 513 10.41 16.37 -1.16
CA THR A 513 11.14 16.89 -2.34
C THR A 513 11.25 15.78 -3.39
N TRP A 514 11.52 14.57 -2.94
CA TRP A 514 11.62 13.39 -3.80
C TRP A 514 10.23 13.10 -4.35
N HIS A 515 9.24 13.23 -3.48
CA HIS A 515 7.86 12.99 -3.88
C HIS A 515 7.50 13.95 -5.01
N LYS A 516 7.63 15.25 -4.77
CA LYS A 516 7.30 16.26 -5.77
C LYS A 516 8.13 16.16 -7.04
N GLY A 517 9.24 15.44 -6.99
CA GLY A 517 10.08 15.29 -8.15
C GLY A 517 9.52 14.28 -9.12
N GLY A 518 8.38 13.69 -8.77
CA GLY A 518 7.79 12.71 -9.66
C GLY A 518 6.28 12.74 -9.71
N ILE A 519 5.69 13.92 -9.61
CA ILE A 519 4.24 14.04 -9.66
C ILE A 519 3.80 15.24 -10.51
N LEU A 520 2.51 15.31 -10.78
CA LEU A 520 1.98 16.39 -11.56
C LEU A 520 2.76 16.59 -12.87
N ALA A 521 3.46 17.71 -13.01
CA ALA A 521 4.22 17.97 -14.24
C ALA A 521 5.50 17.17 -14.35
N ASN A 522 6.09 16.78 -13.22
CA ASN A 522 7.34 16.03 -13.24
C ASN A 522 7.13 14.52 -13.26
N LYS A 523 5.88 14.11 -13.47
CA LYS A 523 5.55 12.70 -13.51
C LYS A 523 6.41 11.92 -14.48
N GLN A 524 6.76 12.50 -15.62
CA GLN A 524 7.59 11.79 -16.59
C GLN A 524 8.93 11.41 -15.99
N ASN A 525 9.34 12.11 -14.94
CA ASN A 525 10.59 11.83 -14.26
C ASN A 525 10.59 10.40 -13.76
N CYS A 526 9.43 9.93 -13.31
CA CYS A 526 9.28 8.55 -12.81
C CYS A 526 9.57 7.53 -13.89
N PHE A 527 9.06 7.77 -15.10
CA PHE A 527 9.28 6.83 -16.20
C PHE A 527 10.72 6.87 -16.70
N ASP A 528 11.36 8.03 -16.63
CA ASP A 528 12.74 8.14 -17.07
C ASP A 528 13.67 7.41 -16.10
N ASP A 529 13.48 7.66 -14.80
CA ASP A 529 14.27 7.03 -13.75
C ASP A 529 14.24 5.52 -13.89
N PHE A 530 13.03 5.01 -14.06
CA PHE A 530 12.80 3.57 -14.19
C PHE A 530 13.36 3.02 -15.50
N GLN A 531 13.30 3.81 -16.55
CA GLN A 531 13.83 3.34 -17.82
C GLN A 531 15.35 3.33 -17.76
N CYS A 532 15.92 4.26 -17.00
CA CYS A 532 17.37 4.33 -16.84
C CYS A 532 17.88 3.14 -16.00
N ALA A 533 17.06 2.70 -15.06
CA ALA A 533 17.44 1.57 -14.22
C ALA A 533 17.49 0.30 -15.08
N ALA A 534 16.67 0.24 -16.13
CA ALA A 534 16.66 -0.93 -17.02
C ALA A 534 17.92 -0.90 -17.89
N GLU A 535 18.27 0.28 -18.38
CA GLU A 535 19.46 0.43 -19.21
C GLU A 535 20.71 0.11 -18.38
N TYR A 536 20.71 0.51 -17.12
CA TYR A 536 21.85 0.26 -16.23
C TYR A 536 22.11 -1.24 -16.11
N LEU A 537 21.06 -1.98 -15.78
CA LEU A 537 21.16 -3.45 -15.63
C LEU A 537 21.65 -4.10 -16.93
N ILE A 538 21.24 -3.56 -18.06
CA ILE A 538 21.61 -4.08 -19.37
C ILE A 538 23.06 -3.76 -19.73
N LYS A 539 23.49 -2.54 -19.43
CA LYS A 539 24.85 -2.11 -19.73
C LYS A 539 25.88 -2.75 -18.79
N GLU A 540 25.53 -2.90 -17.52
CA GLU A 540 26.45 -3.48 -16.54
C GLU A 540 26.56 -5.00 -16.62
N GLY A 541 25.84 -5.61 -17.54
CA GLY A 541 25.92 -7.06 -17.72
C GLY A 541 25.00 -7.96 -16.93
N TYR A 542 24.10 -7.41 -16.13
CA TYR A 542 23.19 -8.25 -15.35
C TYR A 542 22.21 -9.01 -16.23
N THR A 543 21.66 -8.31 -17.21
CA THR A 543 20.68 -8.91 -18.08
C THR A 543 20.68 -8.29 -19.46
N SER A 544 19.73 -8.74 -20.28
CA SER A 544 19.58 -8.23 -21.65
C SER A 544 18.11 -7.87 -21.84
N PRO A 545 17.82 -6.95 -22.76
CA PRO A 545 16.43 -6.56 -22.99
C PRO A 545 15.50 -7.75 -23.20
N LYS A 546 15.85 -8.62 -24.13
CA LYS A 546 15.04 -9.79 -24.46
C LYS A 546 14.71 -10.67 -23.26
N ARG A 547 15.46 -10.52 -22.17
CA ARG A 547 15.22 -11.33 -20.98
C ARG A 547 14.92 -10.52 -19.72
N LEU A 548 14.64 -9.23 -19.88
CA LEU A 548 14.34 -8.37 -18.74
C LEU A 548 12.84 -8.24 -18.54
N THR A 549 12.39 -8.50 -17.33
CA THR A 549 10.98 -8.42 -16.98
C THR A 549 10.78 -7.25 -16.01
N ILE A 550 9.72 -6.47 -16.19
CA ILE A 550 9.45 -5.38 -15.26
C ILE A 550 8.07 -5.59 -14.65
N ASN A 551 7.94 -5.30 -13.36
CA ASN A 551 6.70 -5.46 -12.66
C ASN A 551 6.39 -4.27 -11.77
N GLY A 552 5.10 -3.99 -11.62
CA GLY A 552 4.65 -2.90 -10.78
C GLY A 552 3.18 -3.15 -10.52
N GLY A 553 2.66 -2.68 -9.39
CA GLY A 553 1.26 -2.87 -9.08
C GLY A 553 0.58 -1.55 -8.75
N SER A 554 -0.71 -1.44 -9.04
CA SER A 554 -1.46 -0.21 -8.76
C SER A 554 -0.82 1.00 -9.45
N ASN A 555 -0.28 1.94 -8.67
CA ASN A 555 0.36 3.11 -9.28
C ASN A 555 1.57 2.62 -10.06
N GLY A 556 2.16 1.51 -9.62
CA GLY A 556 3.31 0.94 -10.31
C GLY A 556 2.90 0.21 -11.58
N GLY A 557 1.60 0.00 -11.76
CA GLY A 557 1.11 -0.68 -12.95
C GLY A 557 1.10 0.35 -14.05
N LEU A 558 0.83 1.60 -13.66
CA LEU A 558 0.82 2.71 -14.59
C LEU A 558 2.26 2.86 -15.08
N LEU A 559 3.19 2.68 -14.15
CA LEU A 559 4.61 2.79 -14.40
C LEU A 559 5.08 1.85 -15.47
N VAL A 560 4.88 0.55 -15.27
CA VAL A 560 5.32 -0.42 -16.24
C VAL A 560 4.53 -0.35 -17.54
N ALA A 561 3.23 -0.09 -17.45
CA ALA A 561 2.37 0.03 -18.64
C ALA A 561 2.82 1.19 -19.52
N THR A 562 3.22 2.28 -18.86
CA THR A 562 3.70 3.45 -19.57
C THR A 562 5.08 3.23 -20.17
N CYS A 563 5.96 2.57 -19.44
CA CYS A 563 7.31 2.33 -19.94
C CYS A 563 7.25 1.41 -21.16
N ALA A 564 6.39 0.40 -21.12
CA ALA A 564 6.24 -0.51 -22.28
C ALA A 564 5.90 0.30 -23.53
N ASN A 565 5.11 1.36 -23.34
CA ASN A 565 4.68 2.22 -24.44
C ASN A 565 5.80 3.13 -24.94
N GLN A 566 6.63 3.61 -24.02
CA GLN A 566 7.72 4.51 -24.38
C GLN A 566 9.01 3.83 -24.80
N ARG A 567 9.24 2.60 -24.32
CA ARG A 567 10.47 1.89 -24.66
C ARG A 567 10.21 0.41 -24.68
N PRO A 568 9.46 -0.07 -25.69
CA PRO A 568 9.16 -1.50 -25.80
C PRO A 568 10.37 -2.33 -26.16
N ASP A 569 11.37 -1.68 -26.73
CA ASP A 569 12.61 -2.34 -27.14
C ASP A 569 13.47 -2.67 -25.93
N LEU A 570 13.11 -2.08 -24.80
CA LEU A 570 13.89 -2.26 -23.58
C LEU A 570 13.51 -3.42 -22.67
N PHE A 571 12.38 -4.06 -22.91
CA PHE A 571 11.97 -5.18 -22.05
C PHE A 571 11.36 -6.33 -22.84
N GLY A 572 11.40 -7.53 -22.27
CA GLY A 572 10.86 -8.69 -22.95
C GLY A 572 9.65 -9.30 -22.28
N CYS A 573 9.21 -8.69 -21.18
CA CYS A 573 8.04 -9.17 -20.44
C CYS A 573 7.56 -8.06 -19.54
N VAL A 574 6.25 -7.93 -19.41
CA VAL A 574 5.67 -6.89 -18.57
C VAL A 574 4.48 -7.45 -17.82
N ILE A 575 4.52 -7.36 -16.49
CA ILE A 575 3.43 -7.82 -15.63
C ILE A 575 2.87 -6.61 -14.87
N ALA A 576 1.71 -6.12 -15.29
CA ALA A 576 1.09 -4.98 -14.62
C ALA A 576 -0.04 -5.49 -13.74
N GLN A 577 0.02 -5.20 -12.45
CA GLN A 577 -1.01 -5.63 -11.51
C GLN A 577 -1.93 -4.49 -11.13
N VAL A 578 -3.24 -4.79 -11.13
CA VAL A 578 -4.27 -3.82 -10.77
C VAL A 578 -3.76 -2.40 -10.97
N GLY A 579 -3.51 -2.02 -12.22
CA GLY A 579 -2.99 -0.69 -12.48
C GLY A 579 -3.94 0.37 -13.01
N VAL A 580 -3.46 1.61 -13.02
CA VAL A 580 -4.25 2.73 -13.52
C VAL A 580 -3.88 2.85 -14.99
N MET A 581 -4.87 2.89 -15.88
CA MET A 581 -4.59 2.99 -17.31
C MET A 581 -5.28 4.18 -17.95
N ASP A 582 -6.47 4.51 -17.47
CA ASP A 582 -7.17 5.65 -18.03
C ASP A 582 -6.92 6.84 -17.13
N MET A 583 -5.94 7.64 -17.51
CA MET A 583 -5.54 8.83 -16.79
C MET A 583 -6.44 10.01 -17.12
N LEU A 584 -7.45 9.77 -17.96
CA LEU A 584 -8.39 10.82 -18.33
C LEU A 584 -9.67 10.80 -17.50
N LYS A 585 -10.01 9.63 -16.96
CA LYS A 585 -11.22 9.50 -16.16
C LYS A 585 -11.04 8.83 -14.80
N PHE A 586 -9.82 8.53 -14.42
CA PHE A 586 -9.57 7.87 -13.13
C PHE A 586 -10.26 8.58 -11.95
N HIS A 587 -10.45 9.89 -12.07
CA HIS A 587 -11.06 10.66 -11.00
C HIS A 587 -12.58 10.50 -10.91
N LYS A 588 -13.15 9.84 -11.91
CA LYS A 588 -14.60 9.65 -11.99
C LYS A 588 -15.13 8.44 -11.24
N TYR A 589 -14.23 7.54 -10.82
CA TYR A 589 -14.70 6.35 -10.15
C TYR A 589 -14.28 6.20 -8.68
N THR A 590 -15.17 5.62 -7.88
CA THR A 590 -14.94 5.41 -6.46
C THR A 590 -14.08 6.47 -5.78
N ILE A 591 -12.88 6.09 -5.37
CA ILE A 591 -11.98 7.02 -4.68
C ILE A 591 -10.89 7.63 -5.57
N GLY A 592 -11.05 7.50 -6.87
CA GLY A 592 -10.04 8.04 -7.77
C GLY A 592 -9.82 9.54 -7.67
N HIS A 593 -10.83 10.27 -7.23
CA HIS A 593 -10.72 11.71 -7.12
C HIS A 593 -9.61 12.11 -6.16
N ALA A 594 -9.18 11.15 -5.35
CA ALA A 594 -8.13 11.36 -4.36
C ALA A 594 -6.70 11.36 -4.94
N TRP A 595 -6.52 10.74 -6.08
CA TRP A 595 -5.20 10.65 -6.69
C TRP A 595 -4.78 11.86 -7.52
N THR A 596 -5.65 12.86 -7.62
CA THR A 596 -5.34 14.04 -8.41
C THR A 596 -4.20 14.88 -7.85
N THR A 597 -3.90 14.72 -6.58
CA THR A 597 -2.82 15.49 -5.97
C THR A 597 -1.44 14.97 -6.41
N ASP A 598 -1.44 13.86 -7.14
CA ASP A 598 -0.21 13.24 -7.63
C ASP A 598 -0.18 13.31 -9.16
N TYR A 599 -1.34 13.14 -9.79
CA TYR A 599 -1.42 13.15 -11.26
C TYR A 599 -2.04 14.40 -11.86
N GLY A 600 -3.01 14.96 -11.16
CA GLY A 600 -3.70 16.11 -11.69
C GLY A 600 -5.05 15.62 -12.19
N CYS A 601 -5.83 16.53 -12.75
CA CYS A 601 -7.15 16.19 -13.24
C CYS A 601 -7.28 16.62 -14.69
N SER A 602 -7.88 15.77 -15.53
CA SER A 602 -8.05 16.08 -16.94
C SER A 602 -9.06 17.19 -17.15
N ASP A 603 -9.71 17.61 -16.07
CA ASP A 603 -10.70 18.66 -16.11
C ASP A 603 -10.04 20.02 -16.29
N SER A 604 -8.74 20.08 -16.03
CA SER A 604 -7.99 21.31 -16.17
C SER A 604 -7.17 21.22 -17.46
N LYS A 605 -7.25 22.27 -18.27
CA LYS A 605 -6.53 22.28 -19.54
C LYS A 605 -5.02 22.21 -19.37
N GLN A 606 -4.51 22.61 -18.22
CA GLN A 606 -3.08 22.58 -17.96
C GLN A 606 -2.62 21.16 -17.63
N HIS A 607 -3.44 20.45 -16.85
CA HIS A 607 -3.15 19.08 -16.45
C HIS A 607 -3.36 18.13 -17.61
N PHE A 608 -4.47 18.32 -18.33
CA PHE A 608 -4.78 17.48 -19.48
C PHE A 608 -3.55 17.26 -20.35
N GLU A 609 -2.80 18.33 -20.58
CA GLU A 609 -1.61 18.30 -21.41
C GLU A 609 -0.50 17.36 -20.93
N TRP A 610 -0.36 17.19 -19.61
CA TRP A 610 0.65 16.27 -19.08
C TRP A 610 0.13 14.86 -19.28
N LEU A 611 -1.07 14.62 -18.75
CA LEU A 611 -1.70 13.31 -18.82
C LEU A 611 -1.81 12.70 -20.22
N ILE A 612 -2.31 13.47 -21.19
CA ILE A 612 -2.45 12.95 -22.55
C ILE A 612 -1.13 12.42 -23.12
N LYS A 613 -0.02 12.86 -22.51
CA LYS A 613 1.31 12.46 -22.96
C LYS A 613 1.78 11.10 -22.44
N TYR A 614 1.22 10.62 -21.34
CA TYR A 614 1.63 9.30 -20.83
C TYR A 614 0.49 8.33 -20.59
N SER A 615 -0.73 8.82 -20.54
CA SER A 615 -1.86 7.93 -20.33
C SER A 615 -1.66 6.63 -21.11
N PRO A 616 -1.49 5.50 -20.39
CA PRO A 616 -1.29 4.21 -21.07
C PRO A 616 -2.33 3.87 -22.12
N LEU A 617 -3.60 4.10 -21.81
CA LEU A 617 -4.70 3.80 -22.73
C LEU A 617 -4.65 4.57 -24.05
N HIS A 618 -4.24 5.84 -24.00
CA HIS A 618 -4.21 6.68 -25.18
C HIS A 618 -2.88 6.79 -25.90
N ASN A 619 -1.90 5.97 -25.51
CA ASN A 619 -0.60 6.04 -26.15
C ASN A 619 -0.08 4.71 -26.69
N VAL A 620 -0.98 3.75 -26.87
CA VAL A 620 -0.56 2.46 -27.42
C VAL A 620 -0.31 2.71 -28.89
N LYS A 621 0.84 2.27 -29.38
CA LYS A 621 1.18 2.46 -30.77
C LYS A 621 2.21 1.43 -31.21
N LEU A 622 1.96 0.80 -32.35
CA LEU A 622 2.88 -0.21 -32.88
C LEU A 622 4.16 0.48 -33.39
N PRO A 623 5.34 0.00 -32.94
CA PRO A 623 6.60 0.58 -33.38
C PRO A 623 6.73 0.61 -34.91
N GLU A 624 7.37 1.65 -35.44
CA GLU A 624 7.56 1.81 -36.87
C GLU A 624 8.66 0.86 -37.36
N ALA A 625 9.60 0.56 -36.47
CA ALA A 625 10.72 -0.34 -36.77
C ALA A 625 10.25 -1.78 -36.86
N ASP A 626 10.53 -2.40 -38.01
CA ASP A 626 10.13 -3.79 -38.26
C ASP A 626 10.63 -4.81 -37.22
N ASP A 627 11.90 -4.71 -36.86
CA ASP A 627 12.50 -5.63 -35.90
C ASP A 627 12.07 -5.40 -34.44
N ILE A 628 11.13 -4.48 -34.23
CA ILE A 628 10.67 -4.18 -32.89
C ILE A 628 9.18 -4.43 -32.69
N GLN A 629 8.85 -5.23 -31.69
CA GLN A 629 7.47 -5.55 -31.36
C GLN A 629 7.24 -5.27 -29.86
N TYR A 630 5.99 -5.26 -29.44
CA TYR A 630 5.68 -5.02 -28.05
C TYR A 630 6.13 -6.16 -27.17
N PRO A 631 6.45 -5.88 -25.91
CA PRO A 631 6.89 -6.93 -25.00
C PRO A 631 5.69 -7.84 -24.67
N SER A 632 5.96 -9.07 -24.22
CA SER A 632 4.87 -9.96 -23.83
C SER A 632 4.24 -9.26 -22.64
N MET A 633 2.91 -9.19 -22.58
CA MET A 633 2.25 -8.47 -21.48
C MET A 633 1.11 -9.21 -20.79
N LEU A 634 1.16 -9.22 -19.45
CA LEU A 634 0.15 -9.87 -18.61
C LEU A 634 -0.42 -8.87 -17.62
N LEU A 635 -1.71 -8.59 -17.72
CA LEU A 635 -2.38 -7.66 -16.82
C LEU A 635 -3.19 -8.48 -15.84
N LEU A 636 -3.01 -8.21 -14.55
CA LEU A 636 -3.75 -8.92 -13.53
C LEU A 636 -4.72 -7.97 -12.84
N THR A 637 -5.99 -8.35 -12.78
CA THR A 637 -7.01 -7.55 -12.11
C THR A 637 -8.03 -8.49 -11.49
N ALA A 638 -8.99 -7.94 -10.76
CA ALA A 638 -10.02 -8.71 -10.07
C ALA A 638 -11.35 -7.94 -10.06
N ASP A 639 -12.47 -8.67 -10.00
CA ASP A 639 -13.80 -8.05 -10.01
C ASP A 639 -14.19 -7.20 -8.79
N HIS A 640 -13.57 -7.45 -7.63
CA HIS A 640 -13.92 -6.65 -6.45
C HIS A 640 -12.92 -5.57 -6.08
N ASP A 641 -12.06 -5.21 -7.01
CA ASP A 641 -11.10 -4.16 -6.76
C ASP A 641 -11.85 -2.86 -6.88
N ASP A 642 -12.28 -2.32 -5.75
CA ASP A 642 -13.00 -1.05 -5.74
C ASP A 642 -12.04 0.11 -5.49
N ARG A 643 -10.74 -0.19 -5.43
CA ARG A 643 -9.73 0.83 -5.22
C ARG A 643 -9.39 1.41 -6.58
N VAL A 644 -8.97 0.52 -7.49
CA VAL A 644 -8.63 0.89 -8.86
C VAL A 644 -9.54 0.06 -9.76
N VAL A 645 -10.74 0.56 -10.04
CA VAL A 645 -11.72 -0.17 -10.88
C VAL A 645 -11.07 -0.93 -12.03
N PRO A 646 -11.56 -2.15 -12.31
CA PRO A 646 -11.04 -3.01 -13.37
C PRO A 646 -11.21 -2.53 -14.80
N LEU A 647 -12.06 -1.54 -15.02
CA LEU A 647 -12.27 -1.03 -16.36
C LEU A 647 -10.98 -0.50 -16.95
N HIS A 648 -10.05 -0.10 -16.08
CA HIS A 648 -8.76 0.44 -16.52
C HIS A 648 -7.99 -0.62 -17.30
N SER A 649 -7.97 -1.84 -16.76
CA SER A 649 -7.28 -2.95 -17.40
C SER A 649 -8.08 -3.51 -18.56
N LEU A 650 -9.41 -3.51 -18.42
CA LEU A 650 -10.30 -4.03 -19.44
C LEU A 650 -10.16 -3.27 -20.74
N LYS A 651 -10.25 -1.93 -20.66
CA LYS A 651 -10.12 -1.10 -21.84
C LYS A 651 -8.68 -1.15 -22.36
N PHE A 652 -7.72 -1.08 -21.46
CA PHE A 652 -6.33 -1.12 -21.89
C PHE A 652 -5.98 -2.39 -22.67
N ILE A 653 -6.47 -3.54 -22.22
CA ILE A 653 -6.18 -4.78 -22.92
C ILE A 653 -6.86 -4.81 -24.27
N ALA A 654 -8.15 -4.48 -24.31
CA ALA A 654 -8.87 -4.45 -25.57
C ALA A 654 -8.06 -3.61 -26.55
N THR A 655 -7.59 -2.46 -26.08
CA THR A 655 -6.80 -1.57 -26.92
C THR A 655 -5.53 -2.22 -27.45
N LEU A 656 -4.79 -2.90 -26.57
CA LEU A 656 -3.55 -3.56 -26.95
C LEU A 656 -3.75 -4.60 -28.03
N GLN A 657 -4.63 -5.56 -27.78
CA GLN A 657 -4.91 -6.62 -28.73
C GLN A 657 -5.37 -6.10 -30.09
N TYR A 658 -6.10 -5.00 -30.10
CA TYR A 658 -6.57 -4.44 -31.37
C TYR A 658 -5.47 -3.73 -32.12
N ILE A 659 -4.85 -2.75 -31.47
CA ILE A 659 -3.78 -1.94 -32.07
C ILE A 659 -2.49 -2.71 -32.34
N VAL A 660 -2.08 -3.54 -31.39
CA VAL A 660 -0.85 -4.30 -31.50
C VAL A 660 -1.07 -5.79 -31.75
N GLY A 661 -1.85 -6.44 -30.90
CA GLY A 661 -2.09 -7.86 -31.08
C GLY A 661 -2.46 -8.23 -32.49
N ARG A 662 -3.14 -7.32 -33.18
CA ARG A 662 -3.59 -7.55 -34.56
C ARG A 662 -2.49 -7.47 -35.61
N SER A 663 -1.33 -6.95 -35.24
CA SER A 663 -0.21 -6.83 -36.16
C SER A 663 0.39 -8.20 -36.45
N ARG A 664 0.96 -8.36 -37.64
CA ARG A 664 1.55 -9.64 -38.04
C ARG A 664 2.88 -9.91 -37.34
N LYS A 665 3.69 -8.86 -37.16
CA LYS A 665 4.98 -8.98 -36.50
C LYS A 665 4.89 -9.18 -35.01
N GLN A 666 3.68 -9.05 -34.45
CA GLN A 666 3.54 -9.25 -33.01
C GLN A 666 3.34 -10.72 -32.71
N ASN A 667 4.34 -11.30 -32.05
CA ASN A 667 4.34 -12.70 -31.67
C ASN A 667 4.22 -12.80 -30.16
N ASN A 668 4.64 -11.75 -29.46
CA ASN A 668 4.57 -11.71 -28.00
C ASN A 668 3.12 -11.56 -27.58
N PRO A 669 2.63 -12.42 -26.69
CA PRO A 669 1.24 -12.36 -26.22
C PRO A 669 0.88 -11.19 -25.32
N LEU A 670 -0.32 -10.63 -25.53
CA LEU A 670 -0.86 -9.54 -24.73
C LEU A 670 -2.09 -10.16 -24.07
N LEU A 671 -1.97 -10.46 -22.78
CA LEU A 671 -3.03 -11.12 -22.04
C LEU A 671 -3.51 -10.45 -20.78
N ILE A 672 -4.62 -10.96 -20.26
CA ILE A 672 -5.20 -10.45 -19.03
C ILE A 672 -5.88 -11.56 -18.24
N HIS A 673 -5.84 -11.43 -16.92
CA HIS A 673 -6.50 -12.41 -16.06
C HIS A 673 -7.27 -11.62 -15.03
N VAL A 674 -8.59 -11.80 -15.03
CA VAL A 674 -9.46 -11.13 -14.08
C VAL A 674 -9.83 -12.16 -13.00
N ASP A 675 -9.26 -12.03 -11.82
CA ASP A 675 -9.54 -12.96 -10.72
C ASP A 675 -10.91 -12.65 -10.11
N THR A 676 -11.53 -13.63 -9.48
CA THR A 676 -12.83 -13.42 -8.86
C THR A 676 -12.79 -13.55 -7.34
N LYS A 677 -13.60 -12.74 -6.68
CA LYS A 677 -13.68 -12.76 -5.22
C LYS A 677 -12.45 -12.15 -4.59
N ALA A 678 -11.78 -11.29 -5.33
CA ALA A 678 -10.57 -10.63 -4.82
C ALA A 678 -10.58 -9.17 -5.22
N GLY A 679 -9.83 -8.36 -4.48
CA GLY A 679 -9.79 -6.94 -4.79
C GLY A 679 -8.42 -6.35 -5.08
N HIS A 680 -8.13 -5.20 -4.48
CA HIS A 680 -6.87 -4.55 -4.74
C HIS A 680 -5.64 -5.32 -4.26
N GLY A 681 -5.80 -6.10 -3.19
CA GLY A 681 -4.67 -6.89 -2.71
C GLY A 681 -4.62 -7.12 -1.21
N ALA A 682 -5.10 -6.16 -0.43
CA ALA A 682 -5.09 -6.28 1.01
C ALA A 682 -6.09 -7.35 1.44
N GLY A 683 -5.68 -8.23 2.36
CA GLY A 683 -6.56 -9.28 2.83
C GLY A 683 -6.65 -10.48 1.91
N LYS A 684 -5.86 -10.49 0.83
CA LYS A 684 -5.88 -11.62 -0.09
C LYS A 684 -5.45 -12.89 0.62
N PRO A 685 -6.28 -13.95 0.54
CA PRO A 685 -5.96 -15.24 1.19
C PRO A 685 -4.66 -15.84 0.67
N THR A 686 -4.00 -16.62 1.53
CA THR A 686 -2.74 -17.28 1.21
C THR A 686 -2.81 -18.18 -0.02
N ALA A 687 -3.95 -18.79 -0.25
CA ALA A 687 -4.12 -19.70 -1.39
C ALA A 687 -4.19 -18.94 -2.69
N LYS A 688 -4.92 -17.82 -2.69
CA LYS A 688 -5.06 -17.02 -3.89
C LYS A 688 -3.72 -16.38 -4.25
N VAL A 689 -2.95 -16.02 -3.21
CA VAL A 689 -1.66 -15.40 -3.43
C VAL A 689 -0.63 -16.38 -3.95
N ILE A 690 -0.73 -17.65 -3.58
CA ILE A 690 0.21 -18.63 -4.10
C ILE A 690 -0.06 -18.80 -5.58
N GLU A 691 -1.35 -18.80 -5.92
CA GLU A 691 -1.79 -18.94 -7.30
C GLU A 691 -1.32 -17.79 -8.18
N GLU A 692 -1.40 -16.57 -7.66
CA GLU A 692 -0.99 -15.38 -8.40
C GLU A 692 0.46 -15.43 -8.86
N VAL A 693 1.40 -15.55 -7.92
CA VAL A 693 2.80 -15.59 -8.30
C VAL A 693 3.16 -16.73 -9.24
N SER A 694 2.46 -17.86 -9.10
CA SER A 694 2.69 -19.02 -9.95
C SER A 694 2.30 -18.67 -11.38
N ASP A 695 1.34 -17.76 -11.51
CA ASP A 695 0.87 -17.31 -12.82
C ASP A 695 1.91 -16.36 -13.41
N MET A 696 2.29 -15.36 -12.64
CA MET A 696 3.25 -14.36 -13.08
C MET A 696 4.56 -14.97 -13.57
N PHE A 697 5.12 -15.89 -12.80
CA PHE A 697 6.39 -16.50 -13.17
C PHE A 697 6.25 -17.61 -14.19
N ALA A 698 5.04 -18.09 -14.37
CA ALA A 698 4.79 -19.11 -15.38
C ALA A 698 4.76 -18.34 -16.70
N PHE A 699 4.29 -17.09 -16.62
CA PHE A 699 4.22 -16.23 -17.80
C PHE A 699 5.62 -15.91 -18.29
N ILE A 700 6.49 -15.53 -17.37
CA ILE A 700 7.87 -15.18 -17.70
C ILE A 700 8.62 -16.36 -18.30
N ALA A 701 8.64 -17.46 -17.55
CA ALA A 701 9.33 -18.67 -17.98
C ALA A 701 8.87 -19.17 -19.34
N ARG A 702 7.58 -19.05 -19.61
CA ARG A 702 7.03 -19.50 -20.87
C ARG A 702 7.33 -18.52 -22.01
N CYS A 703 7.35 -17.23 -21.71
CA CYS A 703 7.61 -16.20 -22.71
C CYS A 703 9.10 -16.00 -22.98
N LEU A 704 9.90 -15.99 -21.93
CA LEU A 704 11.34 -15.82 -22.08
C LEU A 704 12.01 -17.18 -22.31
N ASN A 705 11.23 -18.24 -22.16
CA ASN A 705 11.73 -19.59 -22.36
C ASN A 705 12.82 -19.95 -21.34
N ILE A 706 12.50 -19.78 -20.06
CA ILE A 706 13.45 -20.07 -18.99
C ILE A 706 13.31 -21.50 -18.45
N ASP A 707 14.43 -22.21 -18.36
CA ASP A 707 14.40 -23.57 -17.85
C ASP A 707 14.51 -23.55 -16.33
N TRP A 708 13.82 -24.48 -15.68
CA TRP A 708 13.81 -24.60 -14.23
C TRP A 708 15.14 -25.16 -13.74
N ILE A 709 15.56 -24.74 -12.55
CA ILE A 709 16.81 -25.22 -11.97
C ILE A 709 16.51 -25.89 -10.63
N PRO A 710 16.72 -27.20 -10.54
CA PRO A 710 16.47 -27.94 -9.30
C PRO A 710 17.43 -27.58 -8.17
#